data_8JG3
#
_entry.id   8JG3
#
_cell.length_a   73.568
_cell.length_b   73.568
_cell.length_c   273.996
_cell.angle_alpha   90.00
_cell.angle_beta   90.00
_cell.angle_gamma   120.00
#
_symmetry.space_group_name_H-M   'P 31 2 1'
#
loop_
_entity.id
_entity.type
_entity.pdbx_description
1 polymer 'Acetyl-CoA C-acetyltransferase'
2 water water
#
_entity_poly.entity_id   1
_entity_poly.type   'polypeptide(L)'
_entity_poly.pdbx_seq_one_letter_code
;MREVVIVSAVRTAIGSFGGTLKDVSAVDLGAIVIKEAVKRAGIKPEQVDEVIFGNVIQAGVGQSLARQSAVYAGLPVEVP
AFTVNKLCGSGLRTVSLAASLISNGDADTIVVGGSENMSASPYLIPKARFGYRMGEAKIYDAMLHDGLIDSFNNYHMGIT
AENIAEKWGITREDQDKFALASQQKAEAAIKAGKFKDEIVPVTVKMKKKEVVFDTDEDPRFGTTIETLAKLKPAFKRDGT
GTVTAGNSSGINDSSAALILMSADKAKELGVKPMAKYVDFASAGLDPAIMGYGPYYATKKVLAKTNLTIKDFDLIEANEA
FAAQSIAVARDLEFDMSKVNVNGGAIALGHPVGCSGARILVTLLHEMQKRDAKKGLATLCIGGGQGTAVVVERLEHHHHH
H
;
_entity_poly.pdbx_strand_id   A,B
#
# COMPACT_ATOMS: atom_id res chain seq x y z
N MET A 1 21.81 9.97 -8.06
CA MET A 1 20.75 9.44 -8.96
C MET A 1 21.44 8.60 -10.02
N ARG A 2 20.75 7.55 -10.47
CA ARG A 2 21.28 6.58 -11.40
C ARG A 2 20.17 6.20 -12.36
N GLU A 3 20.56 5.62 -13.49
CA GLU A 3 19.63 5.20 -14.51
C GLU A 3 19.03 3.86 -14.10
N VAL A 4 17.76 3.72 -14.49
CA VAL A 4 16.92 2.59 -14.16
C VAL A 4 16.37 2.10 -15.48
N VAL A 5 16.42 0.78 -15.68
CA VAL A 5 15.91 0.17 -16.89
C VAL A 5 14.85 -0.86 -16.50
N ILE A 6 13.99 -1.18 -17.46
CA ILE A 6 12.98 -2.23 -17.35
C ILE A 6 13.48 -3.45 -18.12
N VAL A 7 13.69 -4.57 -17.40
CA VAL A 7 14.31 -5.74 -18.02
C VAL A 7 13.26 -6.79 -18.41
N SER A 8 12.06 -6.82 -17.81
CA SER A 8 11.04 -7.79 -18.23
C SER A 8 9.65 -7.28 -17.92
N ALA A 9 8.66 -7.78 -18.66
CA ALA A 9 7.28 -7.32 -18.54
C ALA A 9 6.34 -8.41 -19.03
N VAL A 10 5.31 -8.75 -18.23
CA VAL A 10 4.48 -9.89 -18.49
C VAL A 10 3.15 -9.69 -17.77
N ARG A 11 2.07 -10.22 -18.36
CA ARG A 11 0.77 -10.16 -17.75
C ARG A 11 0.02 -11.48 -18.00
N THR A 12 -1.01 -11.74 -17.18
CA THR A 12 -2.02 -12.74 -17.52
C THR A 12 -2.96 -12.07 -18.50
N ALA A 13 -3.68 -12.88 -19.28
CA ALA A 13 -4.86 -12.39 -19.97
C ALA A 13 -5.87 -11.94 -18.91
N ILE A 14 -6.82 -11.09 -19.33
CA ILE A 14 -7.73 -10.44 -18.39
C ILE A 14 -9.04 -11.21 -18.39
N GLY A 15 -9.40 -11.71 -17.20
CA GLY A 15 -10.64 -12.44 -17.00
C GLY A 15 -11.82 -11.48 -16.85
N SER A 16 -12.97 -11.94 -17.36
CA SER A 16 -14.23 -11.27 -17.21
C SER A 16 -14.77 -11.43 -15.79
N PHE A 17 -15.77 -10.60 -15.48
CA PHE A 17 -16.46 -10.67 -14.20
C PHE A 17 -17.17 -12.01 -14.09
N GLY A 18 -16.85 -12.77 -13.04
CA GLY A 18 -17.32 -14.14 -12.91
C GLY A 18 -16.85 -15.06 -14.04
N GLY A 19 -15.70 -14.75 -14.65
CA GLY A 19 -15.23 -15.49 -15.81
C GLY A 19 -14.15 -16.51 -15.43
N THR A 20 -13.18 -16.72 -16.33
N THR A 20 -13.18 -16.68 -16.33
CA THR A 20 -12.33 -17.90 -16.27
CA THR A 20 -12.31 -17.85 -16.32
C THR A 20 -11.33 -17.87 -15.11
C THR A 20 -11.34 -17.86 -15.13
N LEU A 21 -10.95 -16.68 -14.61
CA LEU A 21 -10.00 -16.57 -13.51
C LEU A 21 -10.70 -16.28 -12.17
N LYS A 22 -12.03 -16.42 -12.11
CA LYS A 22 -12.79 -16.04 -10.94
C LYS A 22 -12.36 -16.84 -9.70
N ASP A 23 -11.78 -18.04 -9.87
CA ASP A 23 -11.43 -18.88 -8.74
C ASP A 23 -9.91 -18.99 -8.61
N VAL A 24 -9.15 -18.18 -9.33
CA VAL A 24 -7.73 -18.04 -9.09
C VAL A 24 -7.51 -16.75 -8.29
N SER A 25 -7.05 -16.93 -7.03
CA SER A 25 -6.89 -15.86 -6.05
C SER A 25 -5.94 -14.80 -6.59
N ALA A 26 -6.14 -13.58 -6.12
CA ALA A 26 -5.25 -12.48 -6.46
C ALA A 26 -3.82 -12.88 -6.13
N VAL A 27 -3.66 -13.58 -5.01
CA VAL A 27 -2.35 -14.00 -4.55
C VAL A 27 -1.67 -14.91 -5.59
N ASP A 28 -2.42 -15.91 -6.10
CA ASP A 28 -1.92 -16.87 -7.07
C ASP A 28 -1.62 -16.21 -8.40
N LEU A 29 -2.48 -15.30 -8.86
CA LEU A 29 -2.23 -14.59 -10.11
C LEU A 29 -0.91 -13.80 -10.01
N GLY A 30 -0.69 -13.17 -8.85
CA GLY A 30 0.54 -12.42 -8.61
C GLY A 30 1.78 -13.30 -8.67
N ALA A 31 1.70 -14.47 -8.04
CA ALA A 31 2.80 -15.43 -8.05
C ALA A 31 3.17 -15.81 -9.49
N ILE A 32 2.17 -16.03 -10.33
CA ILE A 32 2.35 -16.48 -11.72
C ILE A 32 3.19 -15.47 -12.48
N VAL A 33 2.78 -14.20 -12.44
CA VAL A 33 3.45 -13.14 -13.17
C VAL A 33 4.81 -12.83 -12.54
N ILE A 34 4.94 -12.84 -11.20
CA ILE A 34 6.25 -12.61 -10.57
C ILE A 34 7.24 -13.70 -11.02
N LYS A 35 6.82 -14.97 -10.93
CA LYS A 35 7.53 -16.13 -11.46
C LYS A 35 8.05 -15.93 -12.89
N GLU A 36 7.13 -15.66 -13.81
CA GLU A 36 7.44 -15.54 -15.23
C GLU A 36 8.31 -14.31 -15.51
N ALA A 37 8.07 -13.21 -14.78
CA ALA A 37 8.85 -11.99 -14.98
C ALA A 37 10.33 -12.25 -14.71
N VAL A 38 10.61 -12.95 -13.59
CA VAL A 38 11.98 -13.30 -13.22
C VAL A 38 12.60 -14.20 -14.29
N LYS A 39 11.89 -15.26 -14.64
CA LYS A 39 12.29 -16.18 -15.70
C LYS A 39 12.61 -15.41 -16.99
N ARG A 40 11.74 -14.47 -17.40
CA ARG A 40 11.96 -13.73 -18.64
C ARG A 40 13.20 -12.82 -18.54
N ALA A 41 13.49 -12.32 -17.33
CA ALA A 41 14.63 -11.43 -17.16
C ALA A 41 15.95 -12.21 -17.28
N GLY A 42 15.90 -13.53 -17.09
CA GLY A 42 17.10 -14.35 -17.14
C GLY A 42 17.93 -14.13 -15.88
N ILE A 43 17.23 -13.85 -14.79
CA ILE A 43 17.84 -13.55 -13.51
C ILE A 43 17.53 -14.71 -12.57
N LYS A 44 18.39 -14.94 -11.57
CA LYS A 44 18.09 -15.88 -10.50
C LYS A 44 17.13 -15.20 -9.51
N PRO A 45 16.19 -15.94 -8.88
CA PRO A 45 15.31 -15.35 -7.85
C PRO A 45 15.99 -14.55 -6.74
N GLU A 46 17.16 -15.03 -6.29
CA GLU A 46 17.90 -14.47 -5.18
C GLU A 46 18.47 -13.09 -5.54
N GLN A 47 18.46 -12.76 -6.83
CA GLN A 47 18.89 -11.47 -7.34
C GLN A 47 17.87 -10.38 -7.00
N VAL A 48 16.61 -10.76 -6.70
CA VAL A 48 15.58 -9.75 -6.49
C VAL A 48 15.81 -9.16 -5.11
N ASP A 49 15.69 -7.84 -4.99
CA ASP A 49 16.03 -7.17 -3.74
C ASP A 49 14.74 -6.86 -2.98
N GLU A 50 13.65 -6.58 -3.71
CA GLU A 50 12.37 -6.18 -3.11
C GLU A 50 11.24 -6.47 -4.10
N VAL A 51 10.02 -6.70 -3.58
CA VAL A 51 8.83 -6.80 -4.43
C VAL A 51 7.89 -5.68 -3.97
N ILE A 52 7.48 -4.80 -4.89
CA ILE A 52 6.51 -3.75 -4.62
C ILE A 52 5.34 -4.01 -5.57
N PHE A 53 4.17 -4.37 -5.00
CA PHE A 53 3.06 -4.84 -5.84
C PHE A 53 1.76 -4.19 -5.42
N GLY A 54 0.87 -3.97 -6.40
CA GLY A 54 -0.40 -3.29 -6.18
C GLY A 54 -1.53 -4.28 -5.91
N ASN A 55 -2.46 -3.87 -5.03
CA ASN A 55 -3.62 -4.66 -4.66
C ASN A 55 -4.59 -3.72 -3.94
N VAL A 56 -5.80 -3.56 -4.50
CA VAL A 56 -6.71 -2.50 -4.06
C VAL A 56 -7.80 -3.08 -3.18
N ILE A 57 -8.46 -4.15 -3.63
CA ILE A 57 -9.55 -4.70 -2.84
C ILE A 57 -8.93 -5.81 -1.99
N GLN A 58 -8.41 -5.41 -0.82
CA GLN A 58 -7.56 -6.29 -0.02
C GLN A 58 -8.37 -7.18 0.94
N ALA A 59 -9.62 -6.79 1.23
CA ALA A 59 -10.56 -7.61 1.99
C ALA A 59 -10.47 -9.08 1.57
N GLY A 60 -10.05 -9.89 2.54
CA GLY A 60 -10.09 -11.34 2.46
C GLY A 60 -9.00 -11.96 1.59
N VAL A 61 -7.96 -11.21 1.18
CA VAL A 61 -6.88 -11.83 0.43
C VAL A 61 -5.85 -12.41 1.41
N GLY A 62 -5.95 -12.05 2.70
CA GLY A 62 -4.95 -12.49 3.67
C GLY A 62 -3.97 -11.37 3.95
N GLN A 63 -2.88 -11.69 4.63
CA GLN A 63 -1.82 -10.72 4.89
C GLN A 63 -1.25 -10.20 3.56
N SER A 64 -0.99 -8.88 3.49
CA SER A 64 -0.30 -8.18 2.42
C SER A 64 0.07 -9.07 1.21
N LEU A 65 -0.64 -8.85 0.10
CA LEU A 65 -0.55 -9.72 -1.07
C LEU A 65 0.88 -9.81 -1.61
N ALA A 66 1.61 -8.67 -1.62
CA ALA A 66 2.92 -8.62 -2.27
C ALA A 66 3.84 -9.73 -1.72
N ARG A 67 3.89 -9.86 -0.40
CA ARG A 67 4.71 -10.86 0.25
C ARG A 67 4.20 -12.26 -0.05
N GLN A 68 2.88 -12.48 -0.02
CA GLN A 68 2.38 -13.82 -0.33
C GLN A 68 2.75 -14.20 -1.77
N SER A 69 2.45 -13.31 -2.73
CA SER A 69 2.74 -13.61 -4.12
C SER A 69 4.23 -13.85 -4.35
N ALA A 70 5.09 -13.06 -3.68
CA ALA A 70 6.52 -13.18 -3.89
C ALA A 70 7.01 -14.55 -3.43
N VAL A 71 6.50 -15.02 -2.28
CA VAL A 71 6.91 -16.32 -1.72
C VAL A 71 6.32 -17.45 -2.58
N TYR A 72 5.05 -17.38 -2.98
CA TYR A 72 4.51 -18.45 -3.80
C TYR A 72 5.15 -18.50 -5.20
N ALA A 73 5.81 -17.42 -5.63
CA ALA A 73 6.48 -17.36 -6.91
C ALA A 73 7.86 -18.02 -6.86
N GLY A 74 8.28 -18.43 -5.66
CA GLY A 74 9.56 -19.12 -5.49
C GLY A 74 10.70 -18.15 -5.14
N LEU A 75 10.36 -16.89 -4.85
CA LEU A 75 11.40 -15.95 -4.46
C LEU A 75 11.82 -16.32 -3.04
N PRO A 76 13.12 -16.24 -2.70
CA PRO A 76 13.55 -16.51 -1.33
C PRO A 76 12.73 -15.74 -0.30
N VAL A 77 12.44 -16.40 0.83
CA VAL A 77 11.78 -15.77 1.97
C VAL A 77 12.56 -14.54 2.43
N GLU A 78 13.84 -14.41 2.05
CA GLU A 78 14.66 -13.27 2.47
C GLU A 78 14.26 -12.00 1.73
N VAL A 79 13.53 -12.10 0.60
CA VAL A 79 13.19 -10.92 -0.16
C VAL A 79 12.06 -10.17 0.56
N PRO A 80 12.28 -8.90 0.97
CA PRO A 80 11.21 -8.14 1.60
C PRO A 80 10.20 -7.70 0.54
N ALA A 81 8.96 -7.40 0.96
CA ALA A 81 7.90 -7.01 0.05
C ALA A 81 6.86 -6.15 0.78
N PHE A 82 6.19 -5.27 0.02
CA PHE A 82 5.03 -4.54 0.54
C PHE A 82 4.05 -4.25 -0.60
N THR A 83 2.82 -3.93 -0.20
CA THR A 83 1.68 -3.80 -1.09
C THR A 83 1.29 -2.33 -1.14
N VAL A 84 1.07 -1.84 -2.37
CA VAL A 84 0.72 -0.45 -2.59
C VAL A 84 -0.74 -0.39 -2.98
N ASN A 85 -1.45 0.62 -2.42
CA ASN A 85 -2.84 0.93 -2.74
C ASN A 85 -2.94 2.41 -3.05
N LYS A 86 -2.85 2.74 -4.34
CA LYS A 86 -3.21 4.04 -4.85
C LYS A 86 -4.40 3.84 -5.80
N LEU A 87 -5.38 3.00 -5.36
CA LEU A 87 -6.56 2.66 -6.15
C LEU A 87 -6.14 2.27 -7.59
N CYS A 88 -6.84 2.79 -8.60
CA CYS A 88 -6.57 2.41 -9.99
C CYS A 88 -5.10 2.64 -10.38
N GLY A 89 -4.43 3.56 -9.69
CA GLY A 89 -3.05 3.90 -10.00
C GLY A 89 -2.02 2.88 -9.51
N SER A 90 -2.45 1.89 -8.71
CA SER A 90 -1.54 1.15 -7.84
C SER A 90 -0.37 0.53 -8.61
N GLY A 91 -0.70 -0.26 -9.64
CA GLY A 91 0.28 -1.00 -10.43
C GLY A 91 1.34 -0.10 -11.07
N LEU A 92 0.93 1.09 -11.52
CA LEU A 92 1.89 1.98 -12.15
C LEU A 92 2.71 2.75 -11.10
N ARG A 93 2.14 3.00 -9.92
CA ARG A 93 2.89 3.67 -8.87
C ARG A 93 3.99 2.72 -8.36
N THR A 94 3.80 1.40 -8.40
CA THR A 94 4.85 0.50 -7.95
C THR A 94 6.12 0.71 -8.78
N VAL A 95 5.92 0.98 -10.08
CA VAL A 95 6.98 1.22 -11.06
C VAL A 95 7.80 2.45 -10.70
N SER A 96 7.15 3.61 -10.53
CA SER A 96 7.83 4.85 -10.23
C SER A 96 8.51 4.80 -8.86
N LEU A 97 7.84 4.18 -7.87
CA LEU A 97 8.46 4.00 -6.55
C LEU A 97 9.75 3.19 -6.64
N ALA A 98 9.68 2.04 -7.30
CA ALA A 98 10.84 1.17 -7.42
C ALA A 98 11.98 1.92 -8.11
N ALA A 99 11.65 2.74 -9.10
CA ALA A 99 12.64 3.52 -9.83
C ALA A 99 13.35 4.48 -8.90
N SER A 100 12.58 5.16 -8.06
CA SER A 100 13.13 6.12 -7.12
C SER A 100 14.06 5.42 -6.12
N LEU A 101 13.65 4.24 -5.62
CA LEU A 101 14.46 3.43 -4.73
C LEU A 101 15.76 2.97 -5.39
N ILE A 102 15.73 2.51 -6.65
CA ILE A 102 16.94 2.04 -7.32
C ILE A 102 17.86 3.23 -7.62
N SER A 103 17.29 4.31 -8.19
CA SER A 103 18.01 5.54 -8.43
C SER A 103 18.68 6.07 -7.15
N ASN A 104 18.04 5.93 -5.98
CA ASN A 104 18.56 6.47 -4.72
C ASN A 104 19.57 5.52 -4.09
N GLY A 105 19.73 4.34 -4.67
CA GLY A 105 20.72 3.39 -4.23
C GLY A 105 20.17 2.43 -3.17
N ASP A 106 18.83 2.41 -2.99
CA ASP A 106 18.22 1.59 -1.95
C ASP A 106 17.91 0.18 -2.44
N ALA A 107 18.26 -0.12 -3.69
CA ALA A 107 18.05 -1.44 -4.28
C ALA A 107 18.70 -1.46 -5.67
N ASP A 108 19.00 -2.63 -6.22
CA ASP A 108 19.42 -2.72 -7.61
C ASP A 108 18.34 -3.38 -8.48
N THR A 109 17.55 -4.32 -7.92
CA THR A 109 16.58 -5.07 -8.70
C THR A 109 15.26 -5.18 -7.95
N ILE A 110 14.16 -4.72 -8.57
CA ILE A 110 12.88 -4.77 -7.87
C ILE A 110 11.83 -5.37 -8.79
N VAL A 111 11.06 -6.34 -8.26
CA VAL A 111 9.87 -6.80 -8.97
C VAL A 111 8.70 -5.86 -8.65
N VAL A 112 7.98 -5.43 -9.70
CA VAL A 112 6.81 -4.58 -9.49
C VAL A 112 5.62 -5.12 -10.28
N GLY A 113 4.45 -4.53 -10.01
CA GLY A 113 3.26 -4.87 -10.74
C GLY A 113 2.00 -4.74 -9.88
N GLY A 114 1.02 -5.59 -10.20
CA GLY A 114 -0.24 -5.60 -9.47
C GLY A 114 -1.08 -6.82 -9.82
N SER A 115 -2.02 -7.13 -8.93
CA SER A 115 -2.93 -8.25 -9.10
C SER A 115 -4.27 -7.86 -8.48
N GLU A 116 -5.34 -8.09 -9.22
CA GLU A 116 -6.67 -7.92 -8.69
C GLU A 116 -7.54 -9.11 -9.12
N ASN A 117 -8.21 -9.72 -8.13
CA ASN A 117 -9.33 -10.57 -8.44
C ASN A 117 -10.61 -9.94 -7.88
N MET A 118 -11.30 -9.19 -8.74
CA MET A 118 -12.51 -8.48 -8.36
C MET A 118 -13.66 -9.47 -8.13
N SER A 119 -13.69 -10.54 -8.92
CA SER A 119 -14.74 -11.56 -8.84
C SER A 119 -14.79 -12.25 -7.48
N ALA A 120 -13.60 -12.51 -6.92
CA ALA A 120 -13.43 -13.29 -5.69
C ALA A 120 -13.50 -12.41 -4.45
N SER A 121 -13.75 -11.12 -4.63
CA SER A 121 -13.76 -10.20 -3.51
C SER A 121 -15.01 -10.44 -2.68
N PRO A 122 -14.88 -10.36 -1.33
CA PRO A 122 -15.97 -10.69 -0.41
C PRO A 122 -16.97 -9.56 -0.19
N TYR A 123 -18.03 -9.88 0.55
CA TYR A 123 -18.90 -8.86 1.13
C TYR A 123 -18.46 -8.61 2.57
N LEU A 124 -18.90 -7.48 3.14
CA LEU A 124 -18.47 -7.05 4.46
C LEU A 124 -19.68 -6.92 5.37
N ILE A 125 -19.50 -7.28 6.65
CA ILE A 125 -20.49 -7.08 7.71
C ILE A 125 -19.87 -6.15 8.75
N PRO A 126 -20.11 -4.83 8.66
CA PRO A 126 -19.40 -3.87 9.50
C PRO A 126 -19.55 -4.02 11.00
N LYS A 127 -20.72 -4.49 11.51
CA LYS A 127 -20.98 -4.48 12.95
C LYS A 127 -21.15 -5.90 13.50
N ALA A 128 -20.56 -6.87 12.80
CA ALA A 128 -20.61 -8.24 13.25
C ALA A 128 -19.85 -8.39 14.56
N ARG A 129 -18.85 -7.53 14.77
CA ARG A 129 -18.00 -7.65 15.93
C ARG A 129 -18.77 -7.32 17.21
N PHE A 130 -19.45 -6.17 17.27
CA PHE A 130 -20.10 -5.76 18.51
C PHE A 130 -21.62 -5.76 18.37
N GLY A 131 -22.12 -6.04 17.16
CA GLY A 131 -23.53 -6.38 16.99
C GLY A 131 -24.36 -5.19 16.52
N TYR A 132 -25.47 -5.52 15.84
CA TYR A 132 -26.38 -4.53 15.28
C TYR A 132 -27.48 -4.15 16.25
N ARG A 133 -27.70 -4.99 17.25
CA ARG A 133 -28.66 -4.77 18.33
C ARG A 133 -30.10 -4.96 17.85
N MET A 134 -30.53 -4.16 16.88
CA MET A 134 -31.89 -4.31 16.38
C MET A 134 -32.07 -3.67 15.01
N GLY A 135 -32.88 -4.31 14.17
CA GLY A 135 -33.31 -3.72 12.92
C GLY A 135 -32.40 -4.11 11.76
N GLU A 136 -32.90 -3.88 10.55
CA GLU A 136 -32.20 -4.10 9.30
C GLU A 136 -30.85 -3.40 9.30
N ALA A 137 -29.94 -3.92 8.49
CA ALA A 137 -28.66 -3.27 8.26
C ALA A 137 -28.20 -3.66 6.86
N LYS A 138 -27.06 -3.11 6.44
CA LYS A 138 -26.52 -3.30 5.10
C LYS A 138 -25.22 -4.11 5.20
N ILE A 139 -25.06 -5.02 4.24
CA ILE A 139 -23.75 -5.60 3.99
C ILE A 139 -23.21 -4.98 2.70
N TYR A 140 -21.89 -4.85 2.61
CA TYR A 140 -21.31 -4.08 1.53
C TYR A 140 -20.50 -4.99 0.62
N ASP A 141 -20.55 -4.68 -0.67
CA ASP A 141 -19.68 -5.27 -1.67
C ASP A 141 -18.28 -4.63 -1.53
N ALA A 142 -17.27 -5.41 -1.15
CA ALA A 142 -15.90 -4.92 -0.93
C ALA A 142 -15.35 -4.18 -2.15
N MET A 143 -15.65 -4.69 -3.34
CA MET A 143 -15.17 -4.15 -4.60
C MET A 143 -15.74 -2.77 -4.84
N LEU A 144 -16.99 -2.56 -4.42
CA LEU A 144 -17.56 -1.22 -4.56
C LEU A 144 -17.12 -0.35 -3.38
N HIS A 145 -17.27 -0.88 -2.18
CA HIS A 145 -17.10 -0.06 -0.99
C HIS A 145 -15.62 0.38 -0.85
N ASP A 146 -14.67 -0.47 -1.21
CA ASP A 146 -13.25 -0.21 -1.01
C ASP A 146 -12.54 0.10 -2.33
N GLY A 147 -13.31 0.15 -3.43
CA GLY A 147 -12.78 0.35 -4.77
C GLY A 147 -13.53 1.42 -5.56
N LEU A 148 -14.69 1.06 -6.11
CA LEU A 148 -15.32 1.78 -7.20
C LEU A 148 -16.38 2.79 -6.75
N ILE A 149 -16.66 2.89 -5.45
CA ILE A 149 -17.48 3.97 -4.94
C ILE A 149 -16.56 5.03 -4.32
N ASP A 150 -16.75 6.28 -4.76
CA ASP A 150 -16.02 7.41 -4.21
C ASP A 150 -16.39 7.60 -2.74
N SER A 151 -15.41 7.47 -1.86
CA SER A 151 -15.69 7.44 -0.44
C SER A 151 -15.97 8.84 0.09
N PHE A 152 -15.64 9.91 -0.66
CA PHE A 152 -15.99 11.25 -0.18
C PHE A 152 -17.45 11.61 -0.53
N ASN A 153 -17.90 11.26 -1.75
CA ASN A 153 -19.24 11.63 -2.20
C ASN A 153 -20.26 10.50 -2.01
N ASN A 154 -19.76 9.29 -1.73
CA ASN A 154 -20.52 8.07 -1.67
C ASN A 154 -21.41 7.94 -2.90
N TYR A 155 -20.83 8.15 -4.08
CA TYR A 155 -21.47 7.69 -5.30
C TYR A 155 -20.42 6.94 -6.11
N HIS A 156 -20.89 6.24 -7.15
CA HIS A 156 -20.04 5.37 -7.92
C HIS A 156 -19.16 6.26 -8.77
N MET A 157 -17.99 5.71 -9.11
CA MET A 157 -17.05 6.42 -9.95
C MET A 157 -17.68 6.69 -11.32
N GLY A 158 -18.69 5.91 -11.70
CA GLY A 158 -19.47 6.17 -12.91
C GLY A 158 -20.16 7.54 -12.91
N ILE A 159 -20.56 8.03 -11.73
CA ILE A 159 -21.12 9.36 -11.61
C ILE A 159 -20.05 10.42 -11.92
N THR A 160 -18.80 10.13 -11.55
CA THR A 160 -17.72 11.06 -11.87
C THR A 160 -17.56 11.13 -13.39
N ALA A 161 -17.74 9.99 -14.07
CA ALA A 161 -17.73 10.00 -15.52
C ALA A 161 -18.89 10.87 -16.02
N GLU A 162 -20.05 10.80 -15.35
CA GLU A 162 -21.21 11.60 -15.72
C GLU A 162 -20.92 13.07 -15.48
N ASN A 163 -20.25 13.39 -14.35
CA ASN A 163 -19.93 14.78 -14.07
C ASN A 163 -19.05 15.36 -15.19
N ILE A 164 -18.13 14.56 -15.70
CA ILE A 164 -17.22 14.99 -16.75
C ILE A 164 -17.94 15.09 -18.10
N ALA A 165 -18.85 14.17 -18.43
CA ALA A 165 -19.61 14.27 -19.68
C ALA A 165 -20.42 15.56 -19.68
N GLU A 166 -20.97 15.93 -18.52
CA GLU A 166 -21.73 17.16 -18.37
C GLU A 166 -20.83 18.38 -18.59
N LYS A 167 -19.69 18.48 -17.88
CA LYS A 167 -18.93 19.72 -17.88
C LYS A 167 -18.11 19.87 -19.16
N TRP A 168 -17.71 18.78 -19.82
CA TRP A 168 -16.94 18.86 -21.05
C TRP A 168 -17.86 18.71 -22.28
N GLY A 169 -19.17 18.49 -22.06
CA GLY A 169 -20.14 18.36 -23.13
C GLY A 169 -19.79 17.19 -24.05
N ILE A 170 -19.70 16.00 -23.44
CA ILE A 170 -19.38 14.79 -24.15
C ILE A 170 -20.68 13.97 -24.23
N THR A 171 -21.17 13.79 -25.46
CA THR A 171 -22.49 13.21 -25.70
C THR A 171 -22.38 11.70 -25.52
N ARG A 172 -23.53 11.05 -25.36
CA ARG A 172 -23.62 9.59 -25.38
C ARG A 172 -23.04 9.04 -26.68
N GLU A 173 -23.28 9.69 -27.81
CA GLU A 173 -22.77 9.22 -29.10
C GLU A 173 -21.23 9.29 -29.15
N ASP A 174 -20.62 10.40 -28.70
CA ASP A 174 -19.16 10.49 -28.62
C ASP A 174 -18.59 9.36 -27.76
N GLN A 175 -19.25 9.07 -26.64
CA GLN A 175 -18.77 8.02 -25.75
C GLN A 175 -18.84 6.66 -26.45
N ASP A 176 -19.97 6.37 -27.10
CA ASP A 176 -20.18 5.13 -27.83
C ASP A 176 -19.19 4.98 -28.99
N LYS A 177 -18.79 6.10 -29.64
CA LYS A 177 -17.87 6.00 -30.77
C LYS A 177 -16.46 5.69 -30.28
N PHE A 178 -16.05 6.31 -29.18
CA PHE A 178 -14.77 5.99 -28.53
C PHE A 178 -14.74 4.53 -28.12
N ALA A 179 -15.88 4.01 -27.65
CA ALA A 179 -15.97 2.63 -27.17
C ALA A 179 -15.86 1.67 -28.36
N LEU A 180 -16.49 2.02 -29.49
CA LEU A 180 -16.46 1.15 -30.66
C LEU A 180 -15.03 1.02 -31.16
N ALA A 181 -14.30 2.14 -31.20
CA ALA A 181 -12.93 2.08 -31.68
C ALA A 181 -12.09 1.17 -30.79
N SER A 182 -12.29 1.28 -29.48
CA SER A 182 -11.59 0.46 -28.51
C SER A 182 -11.89 -1.03 -28.74
N GLN A 183 -13.15 -1.38 -29.01
CA GLN A 183 -13.54 -2.76 -29.33
C GLN A 183 -12.94 -3.21 -30.66
N GLN A 184 -12.88 -2.32 -31.67
CA GLN A 184 -12.34 -2.67 -32.99
C GLN A 184 -10.85 -2.97 -32.89
N LYS A 185 -10.12 -2.07 -32.22
CA LYS A 185 -8.68 -2.21 -32.14
C LYS A 185 -8.30 -3.45 -31.31
N ALA A 186 -9.04 -3.76 -30.24
CA ALA A 186 -8.74 -4.96 -29.44
C ALA A 186 -8.98 -6.23 -30.25
N GLU A 187 -10.06 -6.26 -31.05
CA GLU A 187 -10.35 -7.43 -31.85
C GLU A 187 -9.20 -7.66 -32.82
N ALA A 188 -8.80 -6.61 -33.55
CA ALA A 188 -7.77 -6.76 -34.57
C ALA A 188 -6.43 -7.12 -33.92
N ALA A 189 -6.14 -6.46 -32.79
CA ALA A 189 -4.90 -6.72 -32.07
C ALA A 189 -4.83 -8.18 -31.60
N ILE A 190 -5.94 -8.68 -31.03
CA ILE A 190 -5.96 -10.06 -30.54
C ILE A 190 -5.77 -11.01 -31.72
N LYS A 191 -6.59 -10.85 -32.77
CA LYS A 191 -6.50 -11.72 -33.94
C LYS A 191 -5.18 -11.55 -34.68
N ALA A 192 -4.55 -10.37 -34.55
CA ALA A 192 -3.26 -10.19 -35.20
C ALA A 192 -2.12 -10.77 -34.37
N GLY A 193 -2.40 -11.39 -33.21
CA GLY A 193 -1.34 -11.96 -32.39
C GLY A 193 -0.58 -10.92 -31.55
N LYS A 194 -1.13 -9.72 -31.39
CA LYS A 194 -0.39 -8.61 -30.80
C LYS A 194 -0.05 -8.87 -29.33
N PHE A 195 -0.90 -9.63 -28.64
CA PHE A 195 -0.74 -9.90 -27.21
C PHE A 195 0.01 -11.20 -26.92
N LYS A 196 0.45 -11.93 -27.94
CA LYS A 196 1.04 -13.24 -27.68
C LYS A 196 2.34 -13.15 -26.89
N ASP A 197 3.15 -12.10 -27.06
CA ASP A 197 4.44 -12.02 -26.39
C ASP A 197 4.31 -11.71 -24.89
N GLU A 198 3.42 -10.78 -24.55
CA GLU A 198 3.30 -10.26 -23.18
C GLU A 198 2.47 -11.16 -22.27
N ILE A 199 1.63 -12.03 -22.81
CA ILE A 199 0.71 -12.82 -22.00
C ILE A 199 1.37 -14.12 -21.57
N VAL A 200 1.21 -14.43 -20.28
CA VAL A 200 1.59 -15.74 -19.78
C VAL A 200 0.34 -16.60 -19.56
N PRO A 201 0.32 -17.84 -20.11
CA PRO A 201 -0.77 -18.79 -19.88
C PRO A 201 -1.03 -19.12 -18.41
N VAL A 202 -2.32 -19.26 -18.08
CA VAL A 202 -2.79 -19.78 -16.80
C VAL A 202 -3.66 -21.01 -17.07
N THR A 203 -3.29 -22.18 -16.55
CA THR A 203 -4.15 -23.36 -16.66
C THR A 203 -5.16 -23.32 -15.51
N VAL A 204 -6.45 -23.41 -15.83
CA VAL A 204 -7.47 -23.27 -14.81
C VAL A 204 -7.98 -24.67 -14.42
N VAL A 212 -6.58 -23.85 -20.54
CA VAL A 212 -5.38 -22.96 -20.73
C VAL A 212 -5.86 -21.57 -21.13
N PHE A 213 -5.87 -20.64 -20.18
CA PHE A 213 -6.37 -19.29 -20.40
C PHE A 213 -5.23 -18.39 -20.88
N ASP A 214 -5.31 -17.91 -22.12
CA ASP A 214 -4.23 -17.14 -22.70
C ASP A 214 -4.75 -16.02 -23.60
N THR A 215 -6.07 -15.79 -23.60
CA THR A 215 -6.66 -14.79 -24.48
C THR A 215 -7.63 -13.93 -23.68
N ASP A 216 -7.44 -12.61 -23.77
CA ASP A 216 -8.33 -11.62 -23.19
C ASP A 216 -9.77 -11.94 -23.59
N GLU A 217 -10.67 -12.10 -22.60
CA GLU A 217 -12.02 -12.60 -22.85
C GLU A 217 -13.09 -11.54 -22.67
N ASP A 218 -12.73 -10.32 -22.22
CA ASP A 218 -13.75 -9.31 -22.00
C ASP A 218 -14.16 -8.62 -23.31
N PRO A 219 -13.29 -8.51 -24.35
CA PRO A 219 -13.69 -7.87 -25.60
C PRO A 219 -14.94 -8.49 -26.21
N ARG A 220 -15.77 -7.61 -26.79
CA ARG A 220 -17.01 -8.00 -27.43
C ARG A 220 -16.86 -7.86 -28.95
N PHE A 221 -16.37 -8.93 -29.57
CA PHE A 221 -16.10 -8.98 -31.00
C PHE A 221 -17.39 -8.66 -31.76
N GLY A 222 -17.25 -7.87 -32.82
CA GLY A 222 -18.38 -7.52 -33.66
C GLY A 222 -19.25 -6.41 -33.06
N THR A 223 -18.72 -5.72 -32.05
CA THR A 223 -19.43 -4.57 -31.53
C THR A 223 -19.76 -3.61 -32.67
N THR A 224 -21.00 -3.12 -32.72
CA THR A 224 -21.39 -2.10 -33.68
C THR A 224 -21.85 -0.87 -32.92
N ILE A 225 -21.99 0.26 -33.62
CA ILE A 225 -22.46 1.47 -32.97
C ILE A 225 -23.91 1.28 -32.54
N GLU A 226 -24.66 0.45 -33.28
CA GLU A 226 -26.05 0.19 -32.98
C GLU A 226 -26.17 -0.62 -31.70
N THR A 227 -25.30 -1.63 -31.58
CA THR A 227 -25.15 -2.39 -30.34
C THR A 227 -25.04 -1.46 -29.13
N LEU A 228 -24.11 -0.50 -29.22
CA LEU A 228 -23.80 0.35 -28.09
C LEU A 228 -24.99 1.28 -27.80
N ALA A 229 -25.73 1.68 -28.85
CA ALA A 229 -26.84 2.62 -28.69
C ALA A 229 -28.05 1.97 -28.02
N LYS A 230 -28.18 0.64 -28.09
CA LYS A 230 -29.28 -0.07 -27.45
C LYS A 230 -29.14 -0.13 -25.92
N LEU A 231 -27.92 0.03 -25.37
CA LEU A 231 -27.65 -0.22 -23.95
C LEU A 231 -28.18 0.93 -23.09
N LYS A 232 -28.51 0.63 -21.84
CA LYS A 232 -29.18 1.58 -20.97
C LYS A 232 -28.15 2.23 -20.04
N PRO A 233 -28.26 3.53 -19.71
CA PRO A 233 -27.34 4.13 -18.74
C PRO A 233 -27.19 3.28 -17.50
N ALA A 234 -25.94 2.99 -17.10
CA ALA A 234 -25.64 2.04 -16.04
C ALA A 234 -25.64 2.71 -14.66
N PHE A 235 -25.44 4.01 -14.58
CA PHE A 235 -25.26 4.64 -13.26
C PHE A 235 -26.24 5.70 -12.82
N LYS A 236 -27.01 6.25 -13.73
CA LYS A 236 -27.92 7.31 -13.37
C LYS A 236 -29.38 7.03 -13.67
N ARG A 237 -29.71 6.60 -14.87
CA ARG A 237 -31.12 6.47 -15.25
C ARG A 237 -31.74 7.88 -15.21
N ASP A 238 -32.96 8.04 -14.75
CA ASP A 238 -33.56 9.37 -14.59
C ASP A 238 -33.42 10.32 -15.78
N GLY A 239 -32.93 9.81 -16.88
CA GLY A 239 -32.84 10.62 -18.08
C GLY A 239 -31.50 11.20 -18.32
N THR A 240 -30.81 11.60 -17.25
CA THR A 240 -29.55 12.25 -17.40
C THR A 240 -28.35 11.36 -17.79
N GLY A 241 -28.50 10.04 -17.77
CA GLY A 241 -27.39 9.15 -18.05
C GLY A 241 -26.86 8.93 -19.44
N THR A 242 -25.55 8.83 -19.57
CA THR A 242 -24.92 8.59 -20.85
C THR A 242 -23.89 7.47 -20.72
N VAL A 243 -23.41 7.25 -19.51
CA VAL A 243 -22.42 6.22 -19.28
C VAL A 243 -23.13 4.88 -19.08
N THR A 244 -22.70 3.88 -19.85
CA THR A 244 -23.33 2.57 -19.90
C THR A 244 -22.26 1.52 -19.62
N ALA A 245 -22.66 0.24 -19.53
CA ALA A 245 -21.71 -0.85 -19.46
C ALA A 245 -20.83 -0.92 -20.71
N GLY A 246 -21.37 -0.52 -21.87
CA GLY A 246 -20.66 -0.62 -23.14
C GLY A 246 -19.59 0.45 -23.35
N ASN A 247 -19.69 1.56 -22.63
CA ASN A 247 -18.77 2.67 -22.79
C ASN A 247 -18.06 2.97 -21.46
N SER A 248 -18.10 1.99 -20.52
CA SER A 248 -17.27 1.93 -19.34
C SER A 248 -16.32 0.74 -19.43
N SER A 249 -15.21 0.76 -18.70
CA SER A 249 -14.45 -0.45 -18.43
C SER A 249 -15.32 -1.42 -17.63
N GLY A 250 -14.93 -2.69 -17.64
CA GLY A 250 -15.61 -3.70 -16.86
C GLY A 250 -14.97 -3.87 -15.49
N ILE A 251 -15.50 -4.87 -14.77
CA ILE A 251 -14.95 -5.44 -13.55
C ILE A 251 -14.21 -6.71 -13.95
N ASN A 252 -12.95 -6.87 -13.53
CA ASN A 252 -12.07 -7.87 -14.12
C ASN A 252 -11.00 -8.36 -13.15
N ASP A 253 -10.38 -9.49 -13.56
CA ASP A 253 -9.43 -10.25 -12.76
C ASP A 253 -8.19 -10.52 -13.60
N SER A 254 -7.01 -10.06 -13.13
CA SER A 254 -5.77 -10.26 -13.86
C SER A 254 -4.59 -9.79 -13.01
N SER A 255 -3.39 -10.21 -13.41
CA SER A 255 -2.17 -9.73 -12.77
C SER A 255 -1.17 -9.25 -13.84
N ALA A 256 -0.16 -8.48 -13.41
CA ALA A 256 0.94 -8.06 -14.29
C ALA A 256 2.20 -7.82 -13.44
N ALA A 257 3.37 -8.11 -14.01
CA ALA A 257 4.62 -7.86 -13.32
C ALA A 257 5.70 -7.38 -14.28
N LEU A 258 6.61 -6.57 -13.76
CA LEU A 258 7.75 -6.02 -14.46
C LEU A 258 8.94 -6.10 -13.51
N ILE A 259 10.14 -6.05 -14.08
CA ILE A 259 11.35 -6.01 -13.28
C ILE A 259 12.13 -4.77 -13.69
N LEU A 260 12.38 -3.90 -12.70
CA LEU A 260 13.23 -2.74 -12.91
C LEU A 260 14.58 -3.07 -12.29
N MET A 261 15.64 -2.50 -12.86
CA MET A 261 16.99 -2.74 -12.40
C MET A 261 17.83 -1.49 -12.70
N SER A 262 18.83 -1.19 -11.87
CA SER A 262 19.81 -0.18 -12.24
C SER A 262 20.44 -0.59 -13.58
N ALA A 263 20.80 0.41 -14.38
CA ALA A 263 21.51 0.16 -15.63
C ALA A 263 22.84 -0.52 -15.36
N ASP A 264 23.48 -0.15 -14.24
CA ASP A 264 24.74 -0.74 -13.81
C ASP A 264 24.60 -2.23 -13.56
N LYS A 265 23.58 -2.62 -12.78
CA LYS A 265 23.38 -4.02 -12.43
C LYS A 265 23.02 -4.80 -13.69
N ALA A 266 22.18 -4.21 -14.56
CA ALA A 266 21.80 -4.86 -15.81
C ALA A 266 23.04 -5.24 -16.63
N LYS A 267 24.01 -4.32 -16.72
CA LYS A 267 25.18 -4.50 -17.56
C LYS A 267 26.10 -5.58 -16.98
N GLU A 268 26.33 -5.46 -15.66
CA GLU A 268 27.06 -6.43 -14.88
C GLU A 268 26.56 -7.84 -15.13
N LEU A 269 25.23 -8.02 -15.21
CA LEU A 269 24.63 -9.35 -15.27
C LEU A 269 24.47 -9.80 -16.71
N GLY A 270 24.68 -8.86 -17.64
CA GLY A 270 24.40 -9.10 -19.05
C GLY A 270 22.91 -9.20 -19.36
N VAL A 271 22.08 -8.43 -18.65
CA VAL A 271 20.64 -8.42 -18.92
C VAL A 271 20.35 -7.33 -19.95
N LYS A 272 19.81 -7.73 -21.10
CA LYS A 272 19.43 -6.80 -22.16
C LYS A 272 18.11 -6.15 -21.76
N PRO A 273 18.08 -4.86 -21.43
CA PRO A 273 16.84 -4.22 -21.00
C PRO A 273 15.85 -4.01 -22.14
N MET A 274 14.55 -3.97 -21.78
CA MET A 274 13.50 -3.66 -22.75
C MET A 274 13.47 -2.16 -23.04
N ALA A 275 13.70 -1.37 -21.99
CA ALA A 275 13.51 0.08 -22.05
C ALA A 275 14.14 0.78 -20.84
N LYS A 276 14.39 2.09 -21.01
CA LYS A 276 14.81 2.95 -19.92
C LYS A 276 13.60 3.66 -19.30
N TYR A 277 13.55 3.66 -17.96
CA TYR A 277 12.60 4.45 -17.21
C TYR A 277 13.05 5.91 -17.23
N VAL A 278 12.15 6.84 -17.54
CA VAL A 278 12.53 8.24 -17.59
C VAL A 278 12.08 8.97 -16.33
N ASP A 279 10.77 9.06 -16.09
CA ASP A 279 10.30 9.79 -14.93
C ASP A 279 8.81 9.49 -14.77
N PHE A 280 8.19 10.13 -13.76
CA PHE A 280 6.80 9.97 -13.39
C PHE A 280 6.27 11.32 -12.92
N ALA A 281 4.95 11.41 -12.80
CA ALA A 281 4.31 12.39 -11.94
C ALA A 281 2.98 11.83 -11.45
N SER A 282 2.59 12.32 -10.27
CA SER A 282 1.27 12.08 -9.69
C SER A 282 0.65 13.42 -9.34
N ALA A 283 -0.67 13.50 -9.47
CA ALA A 283 -1.39 14.70 -9.13
C ALA A 283 -2.74 14.33 -8.54
N GLY A 284 -3.23 15.24 -7.68
CA GLY A 284 -4.59 15.18 -7.17
C GLY A 284 -5.47 16.24 -7.83
N LEU A 285 -6.78 16.03 -7.77
CA LEU A 285 -7.78 16.99 -8.19
C LEU A 285 -9.10 16.63 -7.51
N ASP A 286 -10.12 17.45 -7.77
CA ASP A 286 -11.47 17.26 -7.27
C ASP A 286 -11.93 15.82 -7.50
N PRO A 287 -12.21 15.04 -6.43
CA PRO A 287 -12.68 13.65 -6.56
C PRO A 287 -13.88 13.52 -7.49
N ALA A 288 -14.69 14.59 -7.53
CA ALA A 288 -15.93 14.55 -8.27
C ALA A 288 -15.68 14.44 -9.78
N ILE A 289 -14.47 14.74 -10.26
CA ILE A 289 -14.09 14.64 -11.68
C ILE A 289 -12.76 13.89 -11.78
N MET A 290 -12.65 12.82 -11.00
CA MET A 290 -11.39 12.10 -10.81
C MET A 290 -10.81 11.65 -12.15
N GLY A 291 -11.68 11.41 -13.15
CA GLY A 291 -11.29 10.89 -14.45
C GLY A 291 -10.35 11.81 -15.22
N TYR A 292 -10.25 13.06 -14.81
CA TYR A 292 -9.45 14.02 -15.54
C TYR A 292 -8.02 14.06 -15.00
N GLY A 293 -7.70 13.17 -14.03
CA GLY A 293 -6.42 13.18 -13.34
C GLY A 293 -5.24 13.03 -14.29
N PRO A 294 -5.35 12.19 -15.34
CA PRO A 294 -4.29 12.12 -16.36
C PRO A 294 -3.79 13.45 -16.92
N TYR A 295 -4.69 14.42 -17.11
CA TYR A 295 -4.34 15.72 -17.62
C TYR A 295 -3.25 16.32 -16.73
N TYR A 296 -3.54 16.45 -15.42
CA TYR A 296 -2.59 17.07 -14.50
C TYR A 296 -1.34 16.22 -14.39
N ALA A 297 -1.48 14.89 -14.35
CA ALA A 297 -0.34 14.02 -14.18
C ALA A 297 0.59 14.11 -15.40
N THR A 298 -0.01 14.18 -16.59
CA THR A 298 0.76 14.22 -17.83
C THR A 298 1.40 15.59 -17.99
N LYS A 299 0.65 16.67 -17.81
CA LYS A 299 1.27 17.98 -17.88
C LYS A 299 2.49 18.04 -16.97
N LYS A 300 2.40 17.46 -15.76
CA LYS A 300 3.49 17.51 -14.80
C LYS A 300 4.70 16.68 -15.25
N VAL A 301 4.50 15.45 -15.76
CA VAL A 301 5.65 14.65 -16.15
C VAL A 301 6.32 15.25 -17.39
N LEU A 302 5.50 15.82 -18.28
CA LEU A 302 6.02 16.53 -19.44
C LEU A 302 6.98 17.65 -19.04
N ALA A 303 6.58 18.46 -18.05
CA ALA A 303 7.39 19.56 -17.54
C ALA A 303 8.69 19.02 -16.93
N LYS A 304 8.63 17.89 -16.19
CA LYS A 304 9.80 17.29 -15.58
C LYS A 304 10.79 16.78 -16.64
N THR A 305 10.26 16.27 -17.75
CA THR A 305 11.05 15.64 -18.79
C THR A 305 11.37 16.58 -19.95
N ASN A 306 10.71 17.74 -19.98
CA ASN A 306 10.86 18.74 -21.05
C ASN A 306 10.39 18.17 -22.39
N LEU A 307 9.26 17.46 -22.40
CA LEU A 307 8.70 16.87 -23.60
C LEU A 307 7.31 17.47 -23.85
N THR A 308 6.79 17.33 -25.08
CA THR A 308 5.39 17.61 -25.34
C THR A 308 4.77 16.31 -25.86
N ILE A 309 3.45 16.31 -26.06
CA ILE A 309 2.68 15.12 -26.41
C ILE A 309 3.11 14.59 -27.78
N LYS A 310 3.45 15.51 -28.70
CA LYS A 310 4.01 15.18 -30.00
C LYS A 310 5.23 14.26 -29.90
N ASP A 311 5.93 14.26 -28.77
CA ASP A 311 7.17 13.51 -28.69
C ASP A 311 6.90 12.01 -28.49
N PHE A 312 5.65 11.60 -28.20
CA PHE A 312 5.39 10.20 -27.87
C PHE A 312 4.98 9.42 -29.12
N ASP A 313 5.68 8.32 -29.39
CA ASP A 313 5.30 7.39 -30.45
C ASP A 313 4.04 6.62 -30.08
N LEU A 314 3.90 6.30 -28.79
CA LEU A 314 2.82 5.44 -28.30
C LEU A 314 2.35 5.94 -26.95
N ILE A 315 1.02 5.90 -26.79
CA ILE A 315 0.39 6.31 -25.56
C ILE A 315 -0.61 5.24 -25.12
N GLU A 316 -0.48 4.87 -23.84
CA GLU A 316 -1.47 4.10 -23.14
C GLU A 316 -2.13 4.98 -22.09
N ALA A 317 -3.38 5.38 -22.36
CA ALA A 317 -4.17 6.13 -21.40
C ALA A 317 -5.37 5.26 -20.99
N ASN A 318 -5.44 4.88 -19.72
CA ASN A 318 -6.35 3.81 -19.34
C ASN A 318 -7.78 4.30 -19.56
N GLU A 319 -8.59 3.42 -20.14
CA GLU A 319 -9.97 3.72 -20.49
C GLU A 319 -10.93 3.27 -19.39
N ALA A 320 -11.02 4.04 -18.30
CA ALA A 320 -11.94 3.76 -17.21
C ALA A 320 -13.37 3.99 -17.67
N PHE A 321 -13.59 5.13 -18.35
CA PHE A 321 -14.88 5.50 -18.91
C PHE A 321 -14.63 6.32 -20.16
N ALA A 322 -15.34 6.04 -21.25
CA ALA A 322 -15.15 6.83 -22.46
C ALA A 322 -15.22 8.31 -22.10
N ALA A 323 -16.13 8.67 -21.21
CA ALA A 323 -16.37 10.08 -20.89
C ALA A 323 -15.10 10.76 -20.34
N GLN A 324 -14.33 10.07 -19.47
CA GLN A 324 -13.14 10.66 -18.88
C GLN A 324 -11.99 10.56 -19.88
N SER A 325 -11.93 9.48 -20.66
CA SER A 325 -10.86 9.31 -21.63
C SER A 325 -10.93 10.36 -22.75
N ILE A 326 -12.16 10.76 -23.15
CA ILE A 326 -12.38 11.78 -24.18
C ILE A 326 -11.96 13.15 -23.63
N ALA A 327 -12.40 13.51 -22.42
CA ALA A 327 -11.98 14.77 -21.85
C ALA A 327 -10.46 14.87 -21.86
N VAL A 328 -9.78 13.81 -21.43
CA VAL A 328 -8.33 13.80 -21.29
C VAL A 328 -7.62 13.95 -22.64
N ALA A 329 -8.02 13.11 -23.61
CA ALA A 329 -7.49 13.10 -24.97
C ALA A 329 -7.63 14.48 -25.62
N ARG A 330 -8.77 15.12 -25.42
CA ARG A 330 -8.99 16.43 -26.01
C ARG A 330 -8.04 17.46 -25.40
N ASP A 331 -8.02 17.48 -24.07
CA ASP A 331 -7.32 18.54 -23.37
C ASP A 331 -5.80 18.31 -23.39
N LEU A 332 -5.34 17.07 -23.59
CA LEU A 332 -3.92 16.85 -23.84
C LEU A 332 -3.61 16.78 -25.34
N GLU A 333 -4.63 16.89 -26.21
CA GLU A 333 -4.42 16.96 -27.66
C GLU A 333 -3.66 15.73 -28.18
N PHE A 334 -4.01 14.55 -27.66
CA PHE A 334 -3.42 13.31 -28.14
C PHE A 334 -3.66 13.20 -29.64
N ASP A 335 -2.67 12.59 -30.32
CA ASP A 335 -2.83 12.01 -31.64
C ASP A 335 -3.42 10.63 -31.46
N MET A 336 -4.71 10.47 -31.76
CA MET A 336 -5.47 9.31 -31.31
C MET A 336 -5.00 8.04 -32.03
N SER A 337 -4.33 8.18 -33.18
CA SER A 337 -3.81 7.02 -33.87
C SER A 337 -2.70 6.37 -33.05
N LYS A 338 -2.16 7.09 -32.07
CA LYS A 338 -1.04 6.57 -31.28
C LYS A 338 -1.46 6.10 -29.90
N VAL A 339 -2.76 6.25 -29.57
CA VAL A 339 -3.29 5.96 -28.25
C VAL A 339 -3.96 4.58 -28.24
N ASN A 340 -3.59 3.74 -27.26
CA ASN A 340 -4.28 2.48 -27.01
C ASN A 340 -4.41 1.72 -28.33
N VAL A 341 -3.28 1.55 -29.03
CA VAL A 341 -3.30 1.11 -30.42
C VAL A 341 -3.84 -0.31 -30.51
N ASN A 342 -3.81 -1.05 -29.39
CA ASN A 342 -4.22 -2.44 -29.37
C ASN A 342 -5.52 -2.59 -28.59
N GLY A 343 -6.22 -1.48 -28.39
CA GLY A 343 -7.45 -1.45 -27.63
C GLY A 343 -7.16 -1.07 -26.17
N GLY A 344 -8.20 -0.63 -25.45
CA GLY A 344 -8.06 -0.27 -24.07
C GLY A 344 -9.15 -0.90 -23.22
N ALA A 345 -9.29 -0.38 -21.99
CA ALA A 345 -9.97 -1.09 -20.92
C ALA A 345 -11.44 -1.30 -21.21
N ILE A 346 -12.09 -0.41 -21.98
CA ILE A 346 -13.48 -0.65 -22.34
C ILE A 346 -13.58 -2.07 -22.91
N ALA A 347 -12.66 -2.40 -23.83
CA ALA A 347 -12.62 -3.72 -24.42
C ALA A 347 -11.98 -4.74 -23.49
N LEU A 348 -10.80 -4.42 -22.97
CA LEU A 348 -9.96 -5.46 -22.36
C LEU A 348 -10.30 -5.67 -20.88
N GLY A 349 -10.80 -4.63 -20.18
CA GLY A 349 -11.04 -4.71 -18.74
C GLY A 349 -10.11 -3.87 -17.86
N HIS A 350 -10.53 -3.69 -16.60
CA HIS A 350 -9.92 -2.79 -15.63
C HIS A 350 -9.81 -3.51 -14.28
N PRO A 351 -8.89 -4.48 -14.15
CA PRO A 351 -8.61 -5.09 -12.85
C PRO A 351 -7.80 -4.09 -12.01
N VAL A 352 -8.50 -3.38 -11.14
CA VAL A 352 -8.11 -2.08 -10.61
C VAL A 352 -6.63 -2.03 -10.21
N GLY A 353 -6.14 -2.96 -9.34
CA GLY A 353 -4.81 -2.82 -8.76
C GLY A 353 -3.70 -3.27 -9.71
N CYS A 354 -4.12 -3.94 -10.77
CA CYS A 354 -3.21 -4.47 -11.78
C CYS A 354 -3.01 -3.49 -12.95
N SER A 355 -4.09 -2.76 -13.33
CA SER A 355 -4.24 -2.07 -14.60
C SER A 355 -3.05 -1.18 -14.92
N GLY A 356 -2.56 -0.45 -13.91
CA GLY A 356 -1.50 0.51 -14.10
C GLY A 356 -0.23 -0.15 -14.60
N ALA A 357 0.05 -1.36 -14.11
CA ALA A 357 1.16 -2.18 -14.58
C ALA A 357 0.79 -2.80 -15.94
N ARG A 358 -0.44 -3.32 -16.03
CA ARG A 358 -0.93 -3.94 -17.26
C ARG A 358 -0.67 -3.02 -18.46
N ILE A 359 -1.13 -1.76 -18.40
CA ILE A 359 -1.00 -0.89 -19.57
C ILE A 359 0.47 -0.61 -19.87
N LEU A 360 1.34 -0.65 -18.85
CA LEU A 360 2.73 -0.45 -19.14
C LEU A 360 3.29 -1.68 -19.84
N VAL A 361 2.87 -2.93 -19.51
CA VAL A 361 3.45 -4.08 -20.20
C VAL A 361 3.01 -4.01 -21.66
N THR A 362 1.75 -3.60 -21.90
CA THR A 362 1.16 -3.51 -23.23
C THR A 362 1.94 -2.48 -24.05
N LEU A 363 2.26 -1.34 -23.43
CA LEU A 363 3.02 -0.26 -24.05
C LEU A 363 4.42 -0.72 -24.45
N LEU A 364 5.14 -1.38 -23.53
CA LEU A 364 6.51 -1.77 -23.82
C LEU A 364 6.55 -2.75 -24.99
N HIS A 365 5.57 -3.64 -25.11
CA HIS A 365 5.58 -4.68 -26.14
C HIS A 365 5.34 -4.04 -27.51
N GLU A 366 4.33 -3.17 -27.59
CA GLU A 366 4.06 -2.43 -28.81
C GLU A 366 5.25 -1.54 -29.16
N MET A 367 5.92 -0.97 -28.16
CA MET A 367 7.06 -0.12 -28.45
C MET A 367 8.16 -0.94 -29.14
N GLN A 368 8.39 -2.16 -28.66
CA GLN A 368 9.38 -3.02 -29.26
C GLN A 368 8.99 -3.43 -30.67
N LYS A 369 7.71 -3.80 -30.87
CA LYS A 369 7.22 -4.18 -32.19
C LYS A 369 7.50 -3.04 -33.16
N ARG A 370 7.20 -1.80 -32.73
CA ARG A 370 7.27 -0.65 -33.60
C ARG A 370 8.66 -0.02 -33.62
N ASP A 371 9.62 -0.56 -32.86
CA ASP A 371 10.86 0.16 -32.61
C ASP A 371 10.59 1.62 -32.20
N ALA A 372 9.52 1.85 -31.44
CA ALA A 372 9.15 3.19 -31.00
C ALA A 372 10.21 3.73 -30.05
N LYS A 373 10.29 5.07 -29.90
CA LYS A 373 11.38 5.65 -29.13
C LYS A 373 10.92 6.11 -27.75
N LYS A 374 9.73 6.71 -27.69
CA LYS A 374 9.20 7.23 -26.44
C LYS A 374 7.73 6.83 -26.23
N GLY A 375 7.40 6.62 -24.94
CA GLY A 375 6.13 6.07 -24.52
C GLY A 375 5.60 6.73 -23.24
N LEU A 376 4.28 6.84 -23.17
CA LEU A 376 3.61 7.41 -22.01
C LEU A 376 2.55 6.41 -21.55
N ALA A 377 2.51 6.19 -20.24
CA ALA A 377 1.46 5.40 -19.61
C ALA A 377 0.88 6.28 -18.51
N THR A 378 -0.44 6.48 -18.53
CA THR A 378 -1.10 7.31 -17.55
C THR A 378 -2.49 6.73 -17.26
N LEU A 379 -3.01 6.97 -16.05
CA LEU A 379 -4.40 6.65 -15.77
C LEU A 379 -4.99 7.45 -14.61
N CYS A 380 -6.31 7.63 -14.69
CA CYS A 380 -7.09 8.29 -13.64
C CYS A 380 -7.25 7.35 -12.44
N ILE A 381 -7.59 7.93 -11.29
CA ILE A 381 -7.57 7.22 -10.02
C ILE A 381 -8.74 7.67 -9.14
N GLY A 382 -9.56 6.70 -8.71
CA GLY A 382 -10.67 6.95 -7.80
C GLY A 382 -10.20 7.74 -6.59
N GLY A 383 -11.02 8.70 -6.15
CA GLY A 383 -10.66 9.58 -5.05
C GLY A 383 -10.13 10.93 -5.52
N GLY A 384 -9.72 10.99 -6.79
CA GLY A 384 -9.31 12.25 -7.37
C GLY A 384 -7.81 12.34 -7.56
N GLN A 385 -7.27 11.44 -8.37
CA GLN A 385 -5.83 11.46 -8.61
C GLN A 385 -5.56 11.00 -10.03
N GLY A 386 -4.32 11.21 -10.45
CA GLY A 386 -3.81 10.69 -11.70
C GLY A 386 -2.32 10.38 -11.52
N THR A 387 -1.81 9.41 -12.27
CA THR A 387 -0.38 9.18 -12.26
C THR A 387 0.08 8.87 -13.68
N ALA A 388 1.37 9.11 -13.96
CA ALA A 388 1.96 8.93 -15.29
C ALA A 388 3.41 8.48 -15.19
N VAL A 389 3.86 7.75 -16.21
CA VAL A 389 5.24 7.28 -16.32
C VAL A 389 5.68 7.44 -17.78
N VAL A 390 6.88 7.98 -17.99
CA VAL A 390 7.49 8.01 -19.32
C VAL A 390 8.62 6.98 -19.40
N VAL A 391 8.68 6.31 -20.55
CA VAL A 391 9.72 5.35 -20.84
C VAL A 391 10.27 5.63 -22.22
N GLU A 392 11.44 5.03 -22.48
CA GLU A 392 12.23 5.37 -23.65
C GLU A 392 13.07 4.17 -24.06
N ARG A 393 13.21 3.95 -25.34
CA ARG A 393 14.01 2.85 -25.76
C ARG A 393 15.29 3.38 -26.39
N MET B 1 22.23 11.74 -3.99
CA MET B 1 21.40 11.73 -2.77
C MET B 1 21.32 13.14 -2.21
N ARG B 2 20.37 13.38 -1.30
CA ARG B 2 20.17 14.65 -0.63
C ARG B 2 19.80 14.35 0.81
N GLU B 3 20.13 15.27 1.72
CA GLU B 3 19.83 15.15 3.13
C GLU B 3 18.32 15.29 3.35
N VAL B 4 17.78 14.44 4.24
CA VAL B 4 16.38 14.41 4.63
C VAL B 4 16.28 14.59 6.14
N VAL B 5 15.35 15.44 6.57
CA VAL B 5 15.10 15.71 7.97
C VAL B 5 13.65 15.37 8.31
N ILE B 6 13.42 15.16 9.61
CA ILE B 6 12.08 14.99 10.16
C ILE B 6 11.69 16.25 10.93
N VAL B 7 10.56 16.88 10.58
CA VAL B 7 10.28 18.21 11.14
C VAL B 7 9.17 18.19 12.19
N SER B 8 8.35 17.14 12.23
CA SER B 8 7.27 17.07 13.21
C SER B 8 6.89 15.61 13.36
N ALA B 9 6.39 15.27 14.54
CA ALA B 9 5.93 13.91 14.80
C ALA B 9 4.88 13.95 15.89
N VAL B 10 3.78 13.22 15.66
CA VAL B 10 2.65 13.23 16.58
C VAL B 10 1.86 11.94 16.47
N ARG B 11 1.16 11.58 17.55
CA ARG B 11 0.34 10.38 17.60
C ARG B 11 -0.89 10.66 18.45
N THR B 12 -1.95 9.85 18.25
CA THR B 12 -3.02 9.80 19.24
C THR B 12 -2.55 8.90 20.40
N ALA B 13 -3.19 9.04 21.57
CA ALA B 13 -3.19 7.99 22.58
C ALA B 13 -3.72 6.71 21.94
N ILE B 14 -3.29 5.56 22.48
CA ILE B 14 -3.63 4.27 21.88
C ILE B 14 -4.84 3.69 22.60
N GLY B 15 -5.92 3.47 21.83
CA GLY B 15 -7.13 2.87 22.34
C GLY B 15 -7.01 1.36 22.56
N SER B 16 -7.74 0.89 23.57
CA SER B 16 -7.93 -0.51 23.83
C SER B 16 -8.92 -1.09 22.81
N PHE B 17 -8.85 -2.41 22.64
CA PHE B 17 -9.80 -3.14 21.80
C PHE B 17 -11.19 -2.97 22.37
N GLY B 18 -12.14 -2.43 21.58
CA GLY B 18 -13.47 -2.10 22.05
C GLY B 18 -13.49 -0.94 23.05
N GLY B 19 -12.43 -0.10 23.01
CA GLY B 19 -12.24 0.98 23.95
C GLY B 19 -12.72 2.32 23.39
N THR B 20 -12.03 3.39 23.79
CA THR B 20 -12.55 4.74 23.70
C THR B 20 -12.56 5.25 22.24
N LEU B 21 -11.69 4.67 21.38
CA LEU B 21 -11.61 5.01 19.97
C LEU B 21 -12.23 3.95 19.07
N LYS B 22 -13.12 3.10 19.62
CA LYS B 22 -13.77 2.07 18.82
C LYS B 22 -14.64 2.66 17.70
N ASP B 23 -15.27 3.83 17.89
CA ASP B 23 -16.14 4.39 16.86
C ASP B 23 -15.50 5.59 16.16
N VAL B 24 -14.20 5.82 16.32
CA VAL B 24 -13.53 6.83 15.53
C VAL B 24 -12.76 6.12 14.40
N SER B 25 -13.26 6.23 13.17
CA SER B 25 -12.72 5.52 12.01
C SER B 25 -11.20 5.70 11.89
N ALA B 26 -10.56 4.72 11.25
CA ALA B 26 -9.14 4.79 10.94
C ALA B 26 -8.88 6.04 10.12
N VAL B 27 -9.77 6.31 9.15
CA VAL B 27 -9.70 7.51 8.32
C VAL B 27 -9.61 8.78 9.19
N ASP B 28 -10.52 8.91 10.15
CA ASP B 28 -10.64 10.08 11.00
C ASP B 28 -9.43 10.19 11.92
N LEU B 29 -8.96 9.07 12.45
CA LEU B 29 -7.73 9.10 13.25
C LEU B 29 -6.54 9.59 12.43
N GLY B 30 -6.45 9.14 11.17
CA GLY B 30 -5.40 9.60 10.27
C GLY B 30 -5.46 11.10 10.00
N ALA B 31 -6.70 11.63 9.84
CA ALA B 31 -6.92 13.02 9.52
C ALA B 31 -6.45 13.91 10.68
N ILE B 32 -6.80 13.51 11.91
CA ILE B 32 -6.42 14.25 13.12
C ILE B 32 -4.90 14.37 13.17
N VAL B 33 -4.17 13.26 12.96
CA VAL B 33 -2.72 13.33 13.14
C VAL B 33 -2.04 14.06 11.97
N ILE B 34 -2.55 13.89 10.73
CA ILE B 34 -1.99 14.61 9.59
C ILE B 34 -2.15 16.12 9.78
N LYS B 35 -3.36 16.54 10.13
CA LYS B 35 -3.63 17.95 10.36
C LYS B 35 -2.69 18.46 11.44
N GLU B 36 -2.63 17.73 12.57
CA GLU B 36 -1.83 18.20 13.70
C GLU B 36 -0.36 18.24 13.34
N ALA B 37 0.15 17.26 12.55
CA ALA B 37 1.57 17.25 12.19
C ALA B 37 1.91 18.47 11.34
N VAL B 38 1.03 18.81 10.40
CA VAL B 38 1.25 19.98 9.56
C VAL B 38 1.32 21.23 10.45
N LYS B 39 0.37 21.39 11.37
CA LYS B 39 0.36 22.52 12.29
C LYS B 39 1.69 22.61 13.05
N ARG B 40 2.16 21.49 13.60
CA ARG B 40 3.33 21.49 14.46
C ARG B 40 4.61 21.82 13.69
N ALA B 41 4.66 21.46 12.41
CA ALA B 41 5.79 21.80 11.55
C ALA B 41 5.78 23.27 11.14
N GLY B 42 4.66 23.97 11.34
CA GLY B 42 4.57 25.37 10.96
C GLY B 42 4.68 25.57 9.45
N ILE B 43 4.11 24.67 8.66
CA ILE B 43 4.03 24.89 7.23
C ILE B 43 2.56 24.99 6.83
N LYS B 44 2.35 25.49 5.60
CA LYS B 44 1.05 25.53 4.97
C LYS B 44 0.64 24.14 4.48
N PRO B 45 -0.67 23.78 4.51
CA PRO B 45 -1.17 22.59 3.82
C PRO B 45 -0.70 22.44 2.37
N GLU B 46 -0.63 23.55 1.63
CA GLU B 46 -0.31 23.50 0.21
C GLU B 46 1.14 23.10 -0.01
N GLN B 47 1.95 23.15 1.06
CA GLN B 47 3.38 22.86 1.01
C GLN B 47 3.64 21.35 1.02
N VAL B 48 2.64 20.54 1.40
CA VAL B 48 2.83 19.09 1.35
C VAL B 48 2.84 18.62 -0.11
N ASP B 49 3.82 17.79 -0.48
CA ASP B 49 3.94 17.30 -1.85
C ASP B 49 3.19 15.97 -1.98
N GLU B 50 3.10 15.17 -0.91
CA GLU B 50 2.58 13.81 -1.01
C GLU B 50 2.26 13.30 0.39
N VAL B 51 1.29 12.37 0.46
CA VAL B 51 0.98 11.65 1.68
C VAL B 51 1.11 10.16 1.41
N ILE B 52 1.97 9.53 2.23
CA ILE B 52 2.18 8.10 2.22
C ILE B 52 1.87 7.55 3.62
N PHE B 53 0.81 6.75 3.73
CA PHE B 53 0.25 6.42 5.03
C PHE B 53 0.00 4.92 5.09
N GLY B 54 0.33 4.32 6.26
CA GLY B 54 0.09 2.92 6.54
C GLY B 54 -1.37 2.65 6.94
N ASN B 55 -1.87 1.50 6.51
CA ASN B 55 -3.18 0.98 6.91
C ASN B 55 -3.24 -0.47 6.50
N VAL B 56 -3.53 -1.39 7.44
CA VAL B 56 -3.32 -2.80 7.16
C VAL B 56 -4.63 -3.58 7.01
N ILE B 57 -5.57 -3.38 7.94
CA ILE B 57 -6.88 -4.00 7.80
C ILE B 57 -7.74 -2.99 7.07
N GLN B 58 -7.63 -3.09 5.74
CA GLN B 58 -8.25 -2.16 4.83
C GLN B 58 -9.73 -2.46 4.62
N ALA B 59 -10.13 -3.73 4.77
CA ALA B 59 -11.53 -4.09 4.62
C ALA B 59 -12.43 -3.05 5.28
N GLY B 60 -13.32 -2.45 4.48
CA GLY B 60 -14.39 -1.62 4.99
C GLY B 60 -13.98 -0.19 5.34
N VAL B 61 -12.72 0.23 5.13
N VAL B 61 -12.72 0.18 5.08
CA VAL B 61 -12.38 1.62 5.38
CA VAL B 61 -12.26 1.54 5.31
C VAL B 61 -12.79 2.49 4.19
C VAL B 61 -12.71 2.45 4.17
N GLY B 62 -13.20 1.87 3.06
CA GLY B 62 -13.48 2.61 1.85
C GLY B 62 -12.20 2.78 1.02
N GLN B 63 -12.19 3.73 0.06
CA GLN B 63 -11.05 3.89 -0.84
C GLN B 63 -9.80 4.33 -0.04
N SER B 64 -8.66 3.73 -0.41
CA SER B 64 -7.31 4.07 0.04
C SER B 64 -7.27 5.15 1.15
N LEU B 65 -7.04 4.70 2.38
CA LEU B 65 -7.12 5.55 3.55
C LEU B 65 -6.27 6.81 3.42
N ALA B 66 -5.05 6.70 2.85
CA ALA B 66 -4.11 7.81 2.85
C ALA B 66 -4.75 9.05 2.22
N ARG B 67 -5.41 8.83 1.09
CA ARG B 67 -6.10 9.88 0.34
C ARG B 67 -7.25 10.47 1.15
N GLN B 68 -8.06 9.61 1.78
CA GLN B 68 -9.17 10.07 2.62
C GLN B 68 -8.65 10.90 3.79
N SER B 69 -7.72 10.34 4.58
CA SER B 69 -7.18 11.09 5.71
C SER B 69 -6.57 12.42 5.25
N ALA B 70 -5.89 12.45 4.10
CA ALA B 70 -5.26 13.68 3.65
C ALA B 70 -6.31 14.76 3.43
N VAL B 71 -7.36 14.44 2.66
CA VAL B 71 -8.36 15.44 2.35
C VAL B 71 -9.09 15.89 3.63
N TYR B 72 -9.48 14.95 4.50
CA TYR B 72 -10.24 15.34 5.68
C TYR B 72 -9.35 16.07 6.69
N ALA B 73 -8.03 15.89 6.59
CA ALA B 73 -7.07 16.69 7.33
C ALA B 73 -7.08 18.13 6.85
N GLY B 74 -7.60 18.40 5.65
CA GLY B 74 -7.62 19.75 5.10
C GLY B 74 -6.46 20.05 4.18
N LEU B 75 -5.66 19.05 3.79
CA LEU B 75 -4.68 19.25 2.72
C LEU B 75 -5.44 19.45 1.43
N PRO B 76 -4.93 20.31 0.53
CA PRO B 76 -5.58 20.52 -0.77
C PRO B 76 -5.77 19.21 -1.51
N VAL B 77 -6.85 19.14 -2.31
CA VAL B 77 -7.14 17.99 -3.17
C VAL B 77 -6.01 17.77 -4.19
N GLU B 78 -5.19 18.81 -4.44
CA GLU B 78 -4.08 18.66 -5.37
C GLU B 78 -3.02 17.71 -4.82
N VAL B 79 -2.97 17.46 -3.50
CA VAL B 79 -1.91 16.62 -2.94
C VAL B 79 -2.15 15.13 -3.26
N PRO B 80 -1.21 14.42 -3.93
CA PRO B 80 -1.41 12.99 -4.16
C PRO B 80 -1.06 12.14 -2.94
N ALA B 81 -1.66 10.94 -2.87
CA ALA B 81 -1.56 10.13 -1.68
C ALA B 81 -1.67 8.65 -2.05
N PHE B 82 -0.96 7.77 -1.30
CA PHE B 82 -1.14 6.33 -1.46
C PHE B 82 -0.93 5.66 -0.11
N THR B 83 -1.52 4.46 0.00
CA THR B 83 -1.55 3.68 1.22
C THR B 83 -0.55 2.53 1.12
N VAL B 84 0.29 2.37 2.16
CA VAL B 84 1.25 1.29 2.24
C VAL B 84 0.76 0.19 3.18
N ASN B 85 0.99 -1.04 2.77
CA ASN B 85 0.70 -2.20 3.61
C ASN B 85 1.91 -3.12 3.61
N LYS B 86 2.70 -2.96 4.66
CA LYS B 86 3.76 -3.89 4.98
C LYS B 86 3.44 -4.49 6.35
N LEU B 87 2.18 -4.87 6.51
CA LEU B 87 1.70 -5.39 7.77
C LEU B 87 2.21 -4.52 8.92
N CYS B 88 2.79 -5.15 9.96
CA CYS B 88 3.20 -4.46 11.17
C CYS B 88 4.22 -3.36 10.86
N GLY B 89 4.96 -3.52 9.77
CA GLY B 89 5.99 -2.56 9.36
C GLY B 89 5.47 -1.31 8.64
N SER B 90 4.16 -1.26 8.33
CA SER B 90 3.61 -0.27 7.44
C SER B 90 4.04 1.16 7.82
N GLY B 91 3.68 1.59 9.04
CA GLY B 91 3.91 2.96 9.47
C GLY B 91 5.37 3.39 9.35
N LEU B 92 6.32 2.46 9.62
CA LEU B 92 7.73 2.80 9.57
C LEU B 92 8.25 2.73 8.14
N ARG B 93 7.71 1.82 7.31
CA ARG B 93 8.12 1.80 5.91
C ARG B 93 7.70 3.09 5.20
N THR B 94 6.59 3.75 5.59
CA THR B 94 6.22 5.02 4.96
C THR B 94 7.37 6.02 5.13
N VAL B 95 8.06 5.94 6.28
CA VAL B 95 9.11 6.92 6.58
C VAL B 95 10.27 6.75 5.60
N SER B 96 10.80 5.51 5.51
CA SER B 96 11.96 5.25 4.66
C SER B 96 11.65 5.54 3.18
N LEU B 97 10.46 5.13 2.73
CA LEU B 97 10.02 5.40 1.36
C LEU B 97 10.09 6.88 1.03
N ALA B 98 9.55 7.66 1.97
CA ALA B 98 9.46 9.08 1.80
C ALA B 98 10.86 9.70 1.69
N ALA B 99 11.74 9.26 2.60
CA ALA B 99 13.11 9.73 2.63
C ALA B 99 13.81 9.41 1.31
N SER B 100 13.51 8.24 0.73
CA SER B 100 14.07 7.88 -0.56
C SER B 100 13.56 8.80 -1.68
N LEU B 101 12.26 9.11 -1.68
CA LEU B 101 11.65 9.95 -2.71
C LEU B 101 12.21 11.37 -2.60
N ILE B 102 12.25 11.92 -1.40
CA ILE B 102 12.86 13.22 -1.20
C ILE B 102 14.34 13.18 -1.58
N SER B 103 15.09 12.15 -1.12
CA SER B 103 16.51 12.09 -1.41
C SER B 103 16.73 12.13 -2.92
N ASN B 104 15.88 11.41 -3.66
CA ASN B 104 16.01 11.27 -5.10
C ASN B 104 15.50 12.49 -5.87
N GLY B 105 14.93 13.48 -5.18
CA GLY B 105 14.43 14.68 -5.82
C GLY B 105 12.97 14.56 -6.28
N ASP B 106 12.22 13.56 -5.79
CA ASP B 106 10.88 13.36 -6.31
C ASP B 106 9.86 14.14 -5.48
N ALA B 107 10.33 14.81 -4.41
CA ALA B 107 9.47 15.55 -3.51
C ALA B 107 10.33 16.40 -2.60
N ASP B 108 9.73 17.42 -1.95
CA ASP B 108 10.40 18.14 -0.88
C ASP B 108 9.78 17.86 0.49
N THR B 109 8.46 17.61 0.50
CA THR B 109 7.72 17.48 1.74
C THR B 109 6.72 16.34 1.63
N ILE B 110 6.87 15.35 2.53
CA ILE B 110 5.96 14.22 2.57
C ILE B 110 5.44 14.02 3.99
N VAL B 111 4.12 13.86 4.12
CA VAL B 111 3.49 13.44 5.35
C VAL B 111 3.46 11.93 5.38
N VAL B 112 3.91 11.35 6.50
CA VAL B 112 3.99 9.92 6.65
C VAL B 112 3.31 9.51 7.95
N GLY B 113 3.15 8.19 8.12
CA GLY B 113 2.51 7.65 9.30
C GLY B 113 1.65 6.43 9.00
N GLY B 114 0.58 6.31 9.78
CA GLY B 114 -0.24 5.12 9.77
C GLY B 114 -1.42 5.29 10.71
N SER B 115 -2.49 4.58 10.37
CA SER B 115 -3.70 4.57 11.14
C SER B 115 -4.27 3.16 11.08
N GLU B 116 -4.74 2.67 12.22
CA GLU B 116 -5.42 1.39 12.31
C GLU B 116 -6.50 1.48 13.37
N ASN B 117 -7.73 1.13 13.00
CA ASN B 117 -8.76 0.83 13.96
C ASN B 117 -9.16 -0.63 13.78
N MET B 118 -8.63 -1.44 14.69
CA MET B 118 -8.82 -2.87 14.70
C MET B 118 -10.20 -3.21 15.23
N SER B 119 -10.67 -2.46 16.24
CA SER B 119 -12.03 -2.59 16.77
C SER B 119 -13.09 -2.48 15.67
N ALA B 120 -12.95 -1.48 14.80
CA ALA B 120 -14.00 -1.13 13.86
C ALA B 120 -13.92 -2.00 12.61
N SER B 121 -12.90 -2.87 12.51
CA SER B 121 -12.77 -3.74 11.36
C SER B 121 -13.98 -4.67 11.26
N PRO B 122 -14.48 -4.94 10.03
CA PRO B 122 -15.62 -5.81 9.81
C PRO B 122 -15.34 -7.31 9.71
N TYR B 123 -16.42 -8.10 9.59
CA TYR B 123 -16.30 -9.49 9.24
C TYR B 123 -16.52 -9.67 7.73
N LEU B 124 -16.01 -10.78 7.21
CA LEU B 124 -15.97 -11.04 5.79
C LEU B 124 -16.83 -12.25 5.45
N ILE B 125 -17.54 -12.18 4.32
CA ILE B 125 -18.30 -13.31 3.82
C ILE B 125 -17.83 -13.61 2.41
N PRO B 126 -16.85 -14.55 2.29
CA PRO B 126 -16.14 -14.80 1.04
C PRO B 126 -17.00 -15.03 -0.20
N LYS B 127 -18.05 -15.86 -0.07
CA LYS B 127 -18.83 -16.23 -1.26
C LYS B 127 -20.22 -15.62 -1.26
N ALA B 128 -20.39 -14.44 -0.67
CA ALA B 128 -21.65 -13.72 -0.81
C ALA B 128 -21.97 -13.39 -2.28
N ARG B 129 -20.95 -13.31 -3.15
CA ARG B 129 -21.17 -12.77 -4.48
C ARG B 129 -21.90 -13.77 -5.38
N PHE B 130 -21.33 -14.99 -5.47
CA PHE B 130 -21.87 -16.03 -6.33
C PHE B 130 -22.50 -17.14 -5.51
N GLY B 131 -22.47 -17.03 -4.17
CA GLY B 131 -23.31 -17.82 -3.29
C GLY B 131 -22.64 -19.09 -2.79
N TYR B 132 -23.18 -19.64 -1.69
CA TYR B 132 -22.66 -20.86 -1.06
C TYR B 132 -23.37 -22.13 -1.54
N ARG B 133 -24.55 -22.01 -2.18
CA ARG B 133 -25.31 -23.12 -2.76
C ARG B 133 -25.93 -24.01 -1.67
N MET B 134 -25.14 -24.60 -0.79
CA MET B 134 -25.72 -25.39 0.28
C MET B 134 -24.69 -25.64 1.38
N GLY B 135 -25.13 -25.60 2.64
CA GLY B 135 -24.29 -26.00 3.77
C GLY B 135 -23.72 -24.78 4.50
N GLU B 136 -23.41 -24.99 5.78
CA GLU B 136 -22.80 -23.98 6.61
C GLU B 136 -21.53 -23.47 5.95
N ALA B 137 -21.13 -22.24 6.29
CA ALA B 137 -19.89 -21.67 5.80
C ALA B 137 -19.30 -20.78 6.89
N LYS B 138 -18.08 -20.31 6.67
CA LYS B 138 -17.38 -19.50 7.65
C LYS B 138 -17.46 -18.03 7.26
N ILE B 139 -17.72 -17.17 8.26
CA ILE B 139 -17.40 -15.76 8.11
C ILE B 139 -16.08 -15.50 8.83
N TYR B 140 -15.29 -14.57 8.28
CA TYR B 140 -13.97 -14.29 8.82
C TYR B 140 -13.91 -12.90 9.46
N ASP B 141 -13.11 -12.84 10.53
CA ASP B 141 -12.75 -11.61 11.21
C ASP B 141 -11.61 -10.93 10.44
N ALA B 142 -11.87 -9.73 9.87
CA ALA B 142 -10.88 -9.20 8.95
C ALA B 142 -9.55 -8.94 9.66
N MET B 143 -9.60 -8.56 10.94
CA MET B 143 -8.40 -8.20 11.68
C MET B 143 -7.47 -9.40 11.86
N LEU B 144 -8.05 -10.61 11.93
CA LEU B 144 -7.28 -11.83 12.04
C LEU B 144 -6.92 -12.33 10.65
N HIS B 145 -7.92 -12.41 9.78
CA HIS B 145 -7.75 -13.00 8.46
C HIS B 145 -6.77 -12.19 7.61
N ASP B 146 -6.86 -10.86 7.67
CA ASP B 146 -6.01 -10.01 6.84
C ASP B 146 -4.84 -9.39 7.63
N GLY B 147 -4.67 -9.81 8.90
CA GLY B 147 -3.74 -9.15 9.81
C GLY B 147 -2.93 -10.13 10.64
N LEU B 148 -3.55 -10.66 11.70
CA LEU B 148 -2.85 -11.39 12.76
C LEU B 148 -2.70 -12.88 12.50
N ILE B 149 -3.25 -13.42 11.42
CA ILE B 149 -3.08 -14.83 11.11
C ILE B 149 -2.05 -14.97 10.00
N ASP B 150 -1.00 -15.77 10.23
CA ASP B 150 -0.04 -16.03 9.17
C ASP B 150 -0.75 -16.73 8.02
N SER B 151 -0.74 -16.13 6.85
CA SER B 151 -1.45 -16.66 5.69
C SER B 151 -0.79 -17.92 5.11
N PHE B 152 0.52 -18.11 5.29
CA PHE B 152 1.21 -19.27 4.76
C PHE B 152 0.90 -20.51 5.59
N ASN B 153 0.90 -20.34 6.93
CA ASN B 153 0.74 -21.45 7.86
C ASN B 153 -0.67 -21.54 8.40
N ASN B 154 -1.48 -20.50 8.20
CA ASN B 154 -2.82 -20.45 8.74
C ASN B 154 -2.79 -20.71 10.25
N TYR B 155 -1.91 -20.02 10.97
CA TYR B 155 -2.02 -19.94 12.41
C TYR B 155 -1.77 -18.51 12.85
N HIS B 156 -2.19 -18.21 14.07
CA HIS B 156 -2.01 -16.90 14.67
C HIS B 156 -0.53 -16.60 14.78
N MET B 157 -0.20 -15.31 14.81
CA MET B 157 1.18 -14.91 14.95
C MET B 157 1.72 -15.27 16.33
N GLY B 158 0.82 -15.44 17.29
CA GLY B 158 1.12 -16.04 18.60
C GLY B 158 1.92 -17.35 18.51
N ILE B 159 1.57 -18.21 17.53
CA ILE B 159 2.28 -19.46 17.32
C ILE B 159 3.72 -19.21 16.88
N THR B 160 3.95 -18.11 16.15
CA THR B 160 5.30 -17.75 15.71
C THR B 160 6.16 -17.38 16.92
N ALA B 161 5.54 -16.75 17.90
CA ALA B 161 6.20 -16.45 19.16
C ALA B 161 6.51 -17.74 19.92
N GLU B 162 5.56 -18.70 19.98
CA GLU B 162 5.82 -19.98 20.64
C GLU B 162 6.96 -20.70 19.92
N ASN B 163 7.00 -20.63 18.59
CA ASN B 163 8.08 -21.25 17.83
C ASN B 163 9.42 -20.68 18.29
N ILE B 164 9.46 -19.36 18.46
CA ILE B 164 10.69 -18.69 18.87
C ILE B 164 11.01 -19.09 20.31
N ALA B 165 10.03 -19.04 21.22
CA ALA B 165 10.23 -19.45 22.61
C ALA B 165 10.87 -20.83 22.68
N GLU B 166 10.34 -21.78 21.90
CA GLU B 166 10.81 -23.15 21.87
C GLU B 166 12.25 -23.16 21.37
N LYS B 167 12.46 -22.53 20.22
CA LYS B 167 13.72 -22.66 19.50
C LYS B 167 14.82 -21.85 20.19
N TRP B 168 14.49 -20.71 20.83
CA TRP B 168 15.47 -19.88 21.52
C TRP B 168 15.54 -20.17 23.02
N GLY B 169 14.70 -21.06 23.56
CA GLY B 169 14.82 -21.46 24.96
C GLY B 169 14.32 -20.39 25.93
N ILE B 170 13.33 -19.62 25.51
CA ILE B 170 12.88 -18.47 26.29
C ILE B 170 11.75 -18.95 27.17
N THR B 171 11.95 -18.91 28.49
CA THR B 171 11.01 -19.47 29.44
C THR B 171 9.81 -18.54 29.59
N ARG B 172 8.69 -19.10 30.10
CA ARG B 172 7.48 -18.36 30.48
C ARG B 172 7.82 -17.26 31.50
N GLU B 173 8.78 -17.54 32.38
CA GLU B 173 9.13 -16.63 33.45
C GLU B 173 9.87 -15.41 32.88
N ASP B 174 10.84 -15.68 32.00
CA ASP B 174 11.58 -14.67 31.26
C ASP B 174 10.61 -13.78 30.47
N GLN B 175 9.59 -14.39 29.86
CA GLN B 175 8.62 -13.68 29.04
C GLN B 175 7.81 -12.75 29.91
N ASP B 176 7.36 -13.29 31.04
CA ASP B 176 6.55 -12.55 31.99
C ASP B 176 7.35 -11.46 32.69
N LYS B 177 8.65 -11.68 32.88
CA LYS B 177 9.52 -10.68 33.50
C LYS B 177 9.68 -9.51 32.54
N PHE B 178 9.91 -9.85 31.25
CA PHE B 178 9.97 -8.85 30.19
C PHE B 178 8.69 -8.03 30.16
N ALA B 179 7.53 -8.69 30.24
CA ALA B 179 6.24 -8.01 30.17
C ALA B 179 6.08 -7.04 31.32
N LEU B 180 6.48 -7.51 32.50
CA LEU B 180 6.34 -6.75 33.74
C LEU B 180 7.09 -5.44 33.60
N ALA B 181 8.34 -5.52 33.12
CA ALA B 181 9.16 -4.33 32.96
C ALA B 181 8.56 -3.35 31.92
N SER B 182 7.87 -3.87 30.89
CA SER B 182 7.20 -2.98 29.93
C SER B 182 6.08 -2.24 30.64
N GLN B 183 5.26 -2.97 31.41
CA GLN B 183 4.17 -2.34 32.14
C GLN B 183 4.73 -1.32 33.13
N GLN B 184 5.79 -1.69 33.86
CA GLN B 184 6.36 -0.81 34.86
C GLN B 184 6.84 0.49 34.20
N LYS B 185 7.59 0.38 33.09
CA LYS B 185 8.13 1.55 32.44
C LYS B 185 7.00 2.44 31.94
N ALA B 186 5.95 1.81 31.40
CA ALA B 186 4.83 2.53 30.81
C ALA B 186 4.05 3.33 31.85
N GLU B 187 3.73 2.72 32.99
CA GLU B 187 3.00 3.38 34.05
C GLU B 187 3.76 4.60 34.57
N ALA B 188 5.07 4.41 34.74
CA ALA B 188 5.94 5.48 35.24
C ALA B 188 6.03 6.61 34.23
N ALA B 189 6.18 6.27 32.94
CA ALA B 189 6.27 7.28 31.90
C ALA B 189 4.96 8.05 31.78
N ILE B 190 3.82 7.37 31.83
CA ILE B 190 2.54 8.05 31.68
C ILE B 190 2.35 9.04 32.83
N LYS B 191 2.57 8.58 34.08
CA LYS B 191 2.32 9.41 35.25
C LYS B 191 3.35 10.52 35.31
N ALA B 192 4.53 10.29 34.73
CA ALA B 192 5.59 11.29 34.69
C ALA B 192 5.41 12.28 33.55
N GLY B 193 4.39 12.11 32.69
CA GLY B 193 4.12 13.06 31.62
C GLY B 193 5.01 12.93 30.39
N LYS B 194 5.75 11.83 30.25
CA LYS B 194 6.64 11.63 29.11
C LYS B 194 5.91 11.72 27.76
N PHE B 195 4.60 11.34 27.71
CA PHE B 195 3.87 11.27 26.45
C PHE B 195 3.08 12.55 26.17
N LYS B 196 3.16 13.57 27.04
CA LYS B 196 2.34 14.77 26.90
C LYS B 196 2.69 15.57 25.63
N ASP B 197 3.97 15.60 25.24
CA ASP B 197 4.41 16.36 24.10
C ASP B 197 4.02 15.67 22.79
N GLU B 198 3.91 14.34 22.79
CA GLU B 198 3.76 13.64 21.52
C GLU B 198 2.30 13.33 21.17
N ILE B 199 1.37 13.53 22.13
CA ILE B 199 0.00 13.09 21.97
C ILE B 199 -0.91 14.26 21.58
N VAL B 200 -1.71 14.05 20.54
CA VAL B 200 -2.76 14.97 20.19
C VAL B 200 -4.04 14.41 20.80
N PRO B 201 -4.78 15.22 21.56
CA PRO B 201 -6.06 14.79 22.13
C PRO B 201 -7.09 14.45 21.05
N VAL B 202 -8.02 13.57 21.39
CA VAL B 202 -9.17 13.31 20.54
C VAL B 202 -10.44 13.45 21.36
N THR B 203 -11.38 14.27 20.89
CA THR B 203 -12.69 14.38 21.52
C THR B 203 -13.61 13.33 20.90
N VAL B 204 -14.17 12.46 21.75
CA VAL B 204 -15.08 11.42 21.28
C VAL B 204 -16.51 11.77 21.70
N VAL B 211 -15.94 13.82 25.93
CA VAL B 211 -14.77 13.12 26.55
C VAL B 211 -13.50 13.34 25.73
N VAL B 212 -12.45 13.86 26.37
CA VAL B 212 -11.16 14.14 25.75
C VAL B 212 -10.23 12.96 26.02
N PHE B 213 -9.88 12.21 24.96
CA PHE B 213 -9.01 11.04 25.06
C PHE B 213 -7.57 11.47 24.77
N ASP B 214 -6.69 11.42 25.79
CA ASP B 214 -5.32 11.90 25.63
C ASP B 214 -4.31 10.99 26.32
N THR B 215 -4.78 9.91 26.97
CA THR B 215 -3.89 9.04 27.73
C THR B 215 -4.03 7.60 27.23
N ASP B 216 -2.89 6.95 27.00
CA ASP B 216 -2.87 5.57 26.57
C ASP B 216 -3.64 4.73 27.59
N GLU B 217 -4.59 3.88 27.14
CA GLU B 217 -5.48 3.19 28.07
C GLU B 217 -5.22 1.68 28.14
N ASP B 218 -4.35 1.12 27.31
CA ASP B 218 -4.11 -0.31 27.35
C ASP B 218 -3.26 -0.74 28.55
N PRO B 219 -2.28 0.04 29.03
CA PRO B 219 -1.49 -0.37 30.18
C PRO B 219 -2.33 -0.80 31.38
N ARG B 220 -1.85 -1.85 32.05
CA ARG B 220 -2.52 -2.37 33.24
C ARG B 220 -1.67 -1.96 34.44
N PHE B 221 -1.99 -0.79 35.01
CA PHE B 221 -1.27 -0.32 36.17
C PHE B 221 -1.31 -1.38 37.26
N GLY B 222 -0.28 -1.42 38.11
CA GLY B 222 -0.21 -2.34 39.23
C GLY B 222 0.06 -3.80 38.84
N THR B 223 0.54 -4.06 37.61
CA THR B 223 0.79 -5.42 37.18
C THR B 223 1.89 -6.04 38.04
N THR B 224 1.70 -7.30 38.44
CA THR B 224 2.71 -8.01 39.20
C THR B 224 3.13 -9.26 38.43
N ILE B 225 4.32 -9.78 38.76
CA ILE B 225 4.78 -11.07 38.26
C ILE B 225 3.77 -12.18 38.60
N GLU B 226 3.11 -12.08 39.77
CA GLU B 226 2.14 -13.10 40.16
C GLU B 226 0.89 -13.03 39.28
N THR B 227 0.47 -11.80 38.94
CA THR B 227 -0.69 -11.58 38.07
C THR B 227 -0.42 -12.19 36.71
N LEU B 228 0.76 -11.92 36.16
CA LEU B 228 1.13 -12.47 34.87
C LEU B 228 1.17 -14.00 34.94
N ALA B 229 1.88 -14.54 35.95
CA ALA B 229 1.98 -15.98 36.19
C ALA B 229 0.62 -16.71 36.23
N LYS B 230 -0.47 -16.05 36.62
CA LYS B 230 -1.77 -16.71 36.71
C LYS B 230 -2.38 -16.96 35.32
N LEU B 231 -2.02 -16.13 34.33
CA LEU B 231 -2.69 -16.10 33.02
C LEU B 231 -2.44 -17.40 32.26
N LYS B 232 -3.43 -17.77 31.45
CA LYS B 232 -3.41 -19.03 30.72
C LYS B 232 -2.80 -18.76 29.34
N PRO B 233 -1.97 -19.67 28.77
CA PRO B 233 -1.48 -19.50 27.41
C PRO B 233 -2.65 -19.25 26.48
N ALA B 234 -2.48 -18.33 25.51
CA ALA B 234 -3.60 -17.81 24.73
C ALA B 234 -3.70 -18.48 23.37
N PHE B 235 -2.61 -19.09 22.87
CA PHE B 235 -2.58 -19.55 21.48
C PHE B 235 -2.38 -21.05 21.36
N LYS B 236 -1.77 -21.72 22.34
CA LYS B 236 -1.80 -23.18 22.35
C LYS B 236 -2.08 -23.70 23.76
N THR B 240 1.28 -27.02 26.73
CA THR B 240 2.69 -26.79 26.30
C THR B 240 3.05 -25.31 26.18
N GLY B 241 2.05 -24.41 26.22
CA GLY B 241 2.22 -23.02 25.83
C GLY B 241 2.90 -22.14 26.88
N THR B 242 3.28 -20.92 26.46
CA THR B 242 3.99 -19.93 27.27
C THR B 242 3.55 -18.50 26.95
N VAL B 243 3.02 -18.29 25.75
CA VAL B 243 2.62 -16.97 25.29
C VAL B 243 1.17 -16.74 25.71
N THR B 244 0.99 -15.74 26.58
CA THR B 244 -0.30 -15.34 27.11
C THR B 244 -0.70 -13.97 26.57
N ALA B 245 -1.91 -13.54 26.89
CA ALA B 245 -2.34 -12.19 26.58
C ALA B 245 -1.60 -11.17 27.44
N GLY B 246 -0.99 -11.61 28.54
CA GLY B 246 -0.26 -10.71 29.44
C GLY B 246 1.17 -10.44 28.97
N ASN B 247 1.75 -11.36 28.18
CA ASN B 247 3.11 -11.18 27.68
C ASN B 247 3.11 -11.00 26.15
N SER B 248 1.93 -10.64 25.60
CA SER B 248 1.75 -10.32 24.18
C SER B 248 1.23 -8.90 24.06
N SER B 249 1.52 -8.20 22.96
CA SER B 249 0.84 -6.95 22.69
C SER B 249 -0.66 -7.22 22.58
N GLY B 250 -1.47 -6.17 22.72
CA GLY B 250 -2.90 -6.29 22.52
C GLY B 250 -3.31 -6.02 21.07
N ILE B 251 -4.61 -5.81 20.92
CA ILE B 251 -5.27 -5.40 19.69
C ILE B 251 -5.74 -3.98 19.93
N ASN B 252 -5.42 -3.04 19.05
CA ASN B 252 -5.56 -1.64 19.44
C ASN B 252 -5.92 -0.74 18.28
N ASP B 253 -6.42 0.46 18.63
CA ASP B 253 -6.84 1.50 17.70
C ASP B 253 -6.03 2.78 17.95
N SER B 254 -5.36 3.32 16.93
CA SER B 254 -4.62 4.57 17.02
C SER B 254 -4.01 4.93 15.66
N SER B 255 -3.48 6.16 15.59
CA SER B 255 -2.80 6.71 14.42
C SER B 255 -1.56 7.51 14.85
N ALA B 256 -0.64 7.72 13.90
CA ALA B 256 0.52 8.54 14.12
C ALA B 256 0.92 9.19 12.80
N ALA B 257 1.50 10.40 12.88
CA ALA B 257 1.91 11.11 11.68
C ALA B 257 3.23 11.82 11.95
N LEU B 258 4.11 11.79 10.93
CA LEU B 258 5.33 12.59 10.88
C LEU B 258 5.43 13.34 9.54
N ILE B 259 6.33 14.34 9.52
CA ILE B 259 6.63 15.07 8.29
C ILE B 259 8.12 15.01 8.02
N LEU B 260 8.46 14.46 6.83
CA LEU B 260 9.81 14.47 6.31
C LEU B 260 9.90 15.58 5.27
N MET B 261 11.11 16.18 5.21
CA MET B 261 11.47 17.28 4.34
C MET B 261 12.94 17.15 3.93
N SER B 262 13.26 17.61 2.72
CA SER B 262 14.63 17.83 2.31
C SER B 262 15.25 18.88 3.22
N ALA B 263 16.52 18.72 3.56
CA ALA B 263 17.19 19.72 4.39
C ALA B 263 17.12 21.07 3.67
N ASP B 264 17.30 21.04 2.33
CA ASP B 264 17.17 22.21 1.46
C ASP B 264 15.89 23.01 1.75
N LYS B 265 14.73 22.34 1.80
CA LYS B 265 13.46 23.03 1.88
C LYS B 265 13.17 23.46 3.31
N ALA B 266 13.63 22.69 4.30
CA ALA B 266 13.47 23.11 5.68
C ALA B 266 14.23 24.41 5.93
N LYS B 267 15.41 24.53 5.28
CA LYS B 267 16.26 25.71 5.36
C LYS B 267 15.53 26.89 4.73
N GLU B 268 15.16 26.73 3.44
CA GLU B 268 14.40 27.74 2.72
C GLU B 268 13.21 28.26 3.56
N LEU B 269 12.45 27.38 4.22
CA LEU B 269 11.22 27.75 4.91
C LEU B 269 11.49 28.17 6.36
N GLY B 270 12.73 27.99 6.84
CA GLY B 270 13.05 28.26 8.23
C GLY B 270 12.34 27.29 9.17
N VAL B 271 12.18 26.04 8.74
CA VAL B 271 11.57 25.03 9.58
C VAL B 271 12.68 24.35 10.38
N LYS B 272 12.48 24.27 11.69
CA LYS B 272 13.47 23.72 12.61
C LYS B 272 13.28 22.20 12.69
N PRO B 273 14.25 21.37 12.26
CA PRO B 273 14.05 19.92 12.21
C PRO B 273 14.21 19.30 13.58
N MET B 274 13.47 18.20 13.84
CA MET B 274 13.61 17.45 15.08
C MET B 274 14.85 16.57 15.02
N ALA B 275 15.12 16.01 13.84
CA ALA B 275 16.22 15.06 13.66
C ALA B 275 16.53 14.89 12.17
N LYS B 276 17.69 14.27 11.90
CA LYS B 276 18.07 13.82 10.57
C LYS B 276 17.69 12.34 10.40
N TYR B 277 17.16 12.00 9.23
CA TYR B 277 16.92 10.63 8.79
C TYR B 277 18.25 10.12 8.26
N VAL B 278 18.70 8.94 8.70
CA VAL B 278 20.00 8.46 8.30
C VAL B 278 19.81 7.38 7.24
N ASP B 279 19.13 6.29 7.61
CA ASP B 279 18.94 5.21 6.65
C ASP B 279 17.95 4.20 7.24
N PHE B 280 17.75 3.10 6.54
CA PHE B 280 16.79 2.09 6.91
C PHE B 280 17.26 0.76 6.36
N ALA B 281 16.59 -0.32 6.77
CA ALA B 281 16.71 -1.58 6.06
C ALA B 281 15.47 -2.42 6.34
N SER B 282 15.08 -3.21 5.32
CA SER B 282 14.09 -4.28 5.46
C SER B 282 14.68 -5.64 5.09
N ALA B 283 14.15 -6.71 5.71
CA ALA B 283 14.62 -8.06 5.52
C ALA B 283 13.43 -9.01 5.62
N GLY B 284 13.51 -10.09 4.84
CA GLY B 284 12.58 -11.20 4.97
C GLY B 284 13.23 -12.39 5.66
N LEU B 285 12.42 -13.22 6.31
CA LEU B 285 12.86 -14.44 6.94
C LEU B 285 11.69 -15.40 7.01
N ASP B 286 11.95 -16.63 7.48
CA ASP B 286 10.93 -17.66 7.59
C ASP B 286 9.72 -17.08 8.33
N PRO B 287 8.51 -17.03 7.69
CA PRO B 287 7.29 -16.66 8.37
C PRO B 287 7.06 -17.28 9.76
N ALA B 288 7.53 -18.51 9.99
CA ALA B 288 7.21 -19.25 11.20
C ALA B 288 7.93 -18.63 12.41
N ILE B 289 8.98 -17.84 12.16
CA ILE B 289 9.70 -17.11 13.20
C ILE B 289 9.80 -15.62 12.86
N MET B 290 8.68 -15.02 12.44
CA MET B 290 8.68 -13.66 11.88
C MET B 290 9.16 -12.65 12.92
N GLY B 291 8.93 -13.00 14.20
CA GLY B 291 9.28 -12.17 15.33
C GLY B 291 10.76 -11.79 15.42
N TYR B 292 11.63 -12.58 14.77
CA TYR B 292 13.07 -12.37 14.78
C TYR B 292 13.51 -11.44 13.64
N GLY B 293 12.57 -10.95 12.83
CA GLY B 293 12.93 -10.13 11.68
C GLY B 293 13.79 -8.90 12.02
N PRO B 294 13.57 -8.23 13.17
CA PRO B 294 14.41 -7.10 13.58
C PRO B 294 15.91 -7.41 13.61
N TYR B 295 16.25 -8.69 13.83
CA TYR B 295 17.64 -9.08 13.86
C TYR B 295 18.25 -8.79 12.50
N TYR B 296 17.64 -9.32 11.44
CA TYR B 296 18.14 -9.17 10.09
C TYR B 296 18.08 -7.70 9.68
N ALA B 297 16.94 -7.04 9.89
CA ALA B 297 16.78 -5.64 9.52
C ALA B 297 17.89 -4.79 10.14
N THR B 298 18.01 -4.87 11.47
CA THR B 298 18.96 -4.09 12.23
C THR B 298 20.38 -4.37 11.73
N LYS B 299 20.75 -5.65 11.59
CA LYS B 299 22.07 -5.98 11.09
C LYS B 299 22.30 -5.26 9.76
N LYS B 300 21.33 -5.31 8.85
CA LYS B 300 21.54 -4.73 7.54
C LYS B 300 21.76 -3.22 7.63
N VAL B 301 21.02 -2.53 8.51
CA VAL B 301 21.06 -1.09 8.53
C VAL B 301 22.39 -0.66 9.17
N LEU B 302 22.94 -1.50 10.05
CA LEU B 302 24.24 -1.27 10.66
C LEU B 302 25.37 -1.39 9.64
N ALA B 303 25.30 -2.38 8.76
CA ALA B 303 26.26 -2.52 7.66
C ALA B 303 26.13 -1.36 6.68
N LYS B 304 24.93 -0.78 6.51
CA LYS B 304 24.78 0.36 5.61
C LYS B 304 25.34 1.64 6.24
N THR B 305 25.25 1.75 7.55
CA THR B 305 25.54 3.01 8.21
C THR B 305 26.87 2.96 8.93
N ASN B 306 27.61 1.86 8.80
CA ASN B 306 28.84 1.65 9.55
C ASN B 306 28.65 2.03 11.02
N LEU B 307 27.62 1.47 11.66
CA LEU B 307 27.31 1.76 13.03
C LEU B 307 27.36 0.48 13.86
N THR B 308 27.12 0.62 15.17
CA THR B 308 26.96 -0.54 16.04
C THR B 308 25.89 -0.20 17.05
N ILE B 309 25.40 -1.23 17.75
CA ILE B 309 24.31 -1.09 18.70
C ILE B 309 24.71 -0.15 19.83
N LYS B 310 26.03 -0.07 20.06
CA LYS B 310 26.57 0.80 21.09
C LYS B 310 26.38 2.25 20.65
N ASP B 311 26.32 2.49 19.35
CA ASP B 311 26.17 3.84 18.83
C ASP B 311 24.76 4.40 19.07
N PHE B 312 23.77 3.58 19.48
CA PHE B 312 22.42 4.11 19.70
C PHE B 312 22.22 4.47 21.16
N ASP B 313 21.71 5.67 21.40
CA ASP B 313 21.44 6.16 22.74
C ASP B 313 20.05 5.72 23.18
N LEU B 314 19.20 5.41 22.21
CA LEU B 314 17.84 4.97 22.48
C LEU B 314 17.41 4.04 21.38
N ILE B 315 16.64 3.02 21.77
CA ILE B 315 16.17 2.02 20.84
C ILE B 315 14.68 1.83 21.10
N GLU B 316 13.90 1.85 20.02
CA GLU B 316 12.51 1.44 20.07
C GLU B 316 12.38 0.18 19.25
N ALA B 317 12.10 -0.93 19.94
CA ALA B 317 11.96 -2.24 19.34
C ALA B 317 10.56 -2.74 19.66
N ASN B 318 9.71 -2.86 18.64
CA ASN B 318 8.30 -3.05 18.92
C ASN B 318 8.13 -4.36 19.68
N GLU B 319 7.26 -4.36 20.68
CA GLU B 319 7.07 -5.55 21.49
C GLU B 319 5.83 -6.26 21.03
N ALA B 320 5.89 -6.97 19.88
CA ALA B 320 4.81 -7.85 19.46
C ALA B 320 4.50 -8.89 20.54
N PHE B 321 5.55 -9.65 20.90
CA PHE B 321 5.50 -10.72 21.89
C PHE B 321 6.83 -10.71 22.64
N ALA B 322 6.76 -10.90 23.98
CA ALA B 322 7.95 -11.02 24.82
C ALA B 322 8.95 -11.97 24.20
N ALA B 323 8.48 -13.11 23.71
CA ALA B 323 9.39 -14.16 23.27
C ALA B 323 10.24 -13.66 22.11
N GLN B 324 9.61 -12.96 21.15
CA GLN B 324 10.34 -12.47 19.98
C GLN B 324 11.25 -11.33 20.40
N SER B 325 10.77 -10.44 21.27
CA SER B 325 11.53 -9.28 21.72
C SER B 325 12.82 -9.71 22.43
N ILE B 326 12.71 -10.79 23.21
CA ILE B 326 13.81 -11.29 24.02
C ILE B 326 14.86 -11.92 23.11
N ALA B 327 14.39 -12.70 22.15
CA ALA B 327 15.27 -13.30 21.15
C ALA B 327 16.04 -12.25 20.37
N VAL B 328 15.33 -11.17 19.97
CA VAL B 328 15.94 -10.08 19.20
C VAL B 328 17.03 -9.43 20.05
N ALA B 329 16.64 -9.04 21.27
CA ALA B 329 17.48 -8.31 22.22
C ALA B 329 18.76 -9.08 22.56
N ARG B 330 18.66 -10.40 22.75
CA ARG B 330 19.82 -11.22 23.07
C ARG B 330 20.79 -11.31 21.88
N ASP B 331 20.28 -11.45 20.66
CA ASP B 331 21.15 -11.71 19.51
C ASP B 331 21.74 -10.41 18.94
N LEU B 332 21.02 -9.30 19.03
CA LEU B 332 21.60 -8.00 18.70
C LEU B 332 22.36 -7.45 19.90
N GLU B 333 22.15 -8.09 21.06
CA GLU B 333 22.85 -7.77 22.29
C GLU B 333 22.58 -6.32 22.64
N PHE B 334 21.28 -5.99 22.68
CA PHE B 334 20.81 -4.72 23.20
C PHE B 334 21.27 -4.59 24.65
N ASP B 335 21.55 -3.34 25.05
CA ASP B 335 21.57 -2.88 26.41
C ASP B 335 20.18 -2.40 26.77
N MET B 336 19.48 -3.19 27.59
CA MET B 336 18.05 -3.06 27.73
C MET B 336 17.66 -1.81 28.51
N SER B 337 18.65 -1.12 29.11
CA SER B 337 18.45 0.16 29.76
C SER B 337 18.03 1.23 28.75
N LYS B 338 18.47 1.08 27.48
CA LYS B 338 18.21 2.03 26.41
C LYS B 338 17.08 1.60 25.47
N VAL B 339 16.42 0.46 25.74
CA VAL B 339 15.34 -0.04 24.90
C VAL B 339 13.97 0.34 25.49
N ASN B 340 13.08 0.87 24.65
CA ASN B 340 11.69 1.11 25.02
C ASN B 340 11.60 1.74 26.40
N VAL B 341 12.35 2.84 26.61
CA VAL B 341 12.52 3.41 27.94
C VAL B 341 11.21 3.89 28.54
N ASN B 342 10.19 4.16 27.73
CA ASN B 342 8.91 4.63 28.25
C ASN B 342 7.85 3.52 28.17
N GLY B 343 8.28 2.25 28.06
CA GLY B 343 7.33 1.16 27.87
C GLY B 343 7.23 0.79 26.39
N GLY B 344 6.68 -0.38 26.10
CA GLY B 344 6.55 -0.85 24.74
C GLY B 344 5.17 -1.46 24.57
N ALA B 345 4.97 -2.12 23.43
CA ALA B 345 3.65 -2.49 22.96
C ALA B 345 2.89 -3.42 23.92
N ILE B 346 3.56 -4.33 24.64
CA ILE B 346 2.86 -5.14 25.63
C ILE B 346 1.98 -4.24 26.50
N ALA B 347 2.53 -3.11 26.97
CA ALA B 347 1.72 -2.23 27.80
C ALA B 347 0.81 -1.33 26.96
N LEU B 348 1.39 -0.75 25.90
CA LEU B 348 0.83 0.39 25.19
C LEU B 348 -0.14 -0.01 24.08
N GLY B 349 0.14 -1.13 23.40
CA GLY B 349 -0.71 -1.66 22.34
C GLY B 349 0.00 -1.71 21.00
N HIS B 350 -0.55 -2.51 20.06
CA HIS B 350 0.00 -2.69 18.72
C HIS B 350 -1.10 -2.45 17.67
N PRO B 351 -1.49 -1.18 17.40
CA PRO B 351 -2.35 -0.87 16.26
C PRO B 351 -1.60 -1.07 14.94
N VAL B 352 -1.84 -2.23 14.32
CA VAL B 352 -0.93 -2.80 13.33
C VAL B 352 -0.37 -1.76 12.35
N GLY B 353 -1.23 -1.00 11.68
CA GLY B 353 -0.79 -0.19 10.55
C GLY B 353 -0.10 1.10 11.01
N CYS B 354 -0.22 1.38 12.30
CA CYS B 354 0.30 2.58 12.91
C CYS B 354 1.61 2.31 13.63
N SER B 355 1.73 1.14 14.30
CA SER B 355 2.76 0.94 15.32
C SER B 355 4.15 1.40 14.89
N GLY B 356 4.51 1.07 13.65
CA GLY B 356 5.83 1.37 13.11
C GLY B 356 6.15 2.87 13.13
N ALA B 357 5.15 3.70 12.86
CA ALA B 357 5.30 5.14 12.94
C ALA B 357 5.20 5.58 14.40
N ARG B 358 4.35 4.88 15.14
CA ARG B 358 4.10 5.19 16.55
C ARG B 358 5.42 5.13 17.31
N ILE B 359 6.19 4.02 17.15
CA ILE B 359 7.43 3.86 17.90
C ILE B 359 8.46 4.92 17.52
N LEU B 360 8.39 5.43 16.27
CA LEU B 360 9.33 6.47 15.82
C LEU B 360 8.97 7.80 16.47
N VAL B 361 7.66 8.06 16.64
CA VAL B 361 7.19 9.27 17.28
C VAL B 361 7.73 9.27 18.70
N THR B 362 7.62 8.12 19.36
CA THR B 362 7.98 7.96 20.75
C THR B 362 9.49 8.14 20.89
N LEU B 363 10.25 7.47 20.02
CA LEU B 363 11.70 7.54 19.99
C LEU B 363 12.17 9.00 19.90
N LEU B 364 11.59 9.76 18.95
CA LEU B 364 12.09 11.08 18.62
C LEU B 364 11.94 12.04 19.80
N HIS B 365 10.80 11.96 20.51
CA HIS B 365 10.47 12.89 21.56
C HIS B 365 11.35 12.61 22.78
N GLU B 366 11.63 11.33 23.03
CA GLU B 366 12.49 10.95 24.14
C GLU B 366 13.94 11.26 23.80
N MET B 367 14.31 11.12 22.52
CA MET B 367 15.61 11.55 22.04
C MET B 367 15.84 13.03 22.33
N GLN B 368 14.78 13.83 22.20
CA GLN B 368 14.86 15.26 22.44
C GLN B 368 15.06 15.51 23.92
N LYS B 369 14.22 14.88 24.76
CA LYS B 369 14.25 15.04 26.20
C LYS B 369 15.63 14.67 26.79
N ARG B 370 16.30 13.68 26.22
CA ARG B 370 17.58 13.20 26.70
C ARG B 370 18.76 13.79 25.94
N ASP B 371 18.51 14.57 24.88
CA ASP B 371 19.54 15.06 24.00
C ASP B 371 20.41 13.91 23.46
N ALA B 372 19.79 12.79 23.07
CA ALA B 372 20.51 11.68 22.44
C ALA B 372 20.97 12.08 21.04
N LYS B 373 22.03 11.41 20.58
CA LYS B 373 22.63 11.68 19.28
C LYS B 373 22.01 10.78 18.22
N LYS B 374 21.92 9.46 18.50
CA LYS B 374 21.52 8.47 17.50
C LYS B 374 20.43 7.57 18.09
N GLY B 375 19.60 7.01 17.19
CA GLY B 375 18.35 6.37 17.57
C GLY B 375 17.96 5.31 16.53
N LEU B 376 17.43 4.19 17.02
CA LEU B 376 17.01 3.10 16.17
C LEU B 376 15.56 2.72 16.47
N ALA B 377 14.76 2.55 15.40
CA ALA B 377 13.42 2.03 15.48
C ALA B 377 13.32 0.77 14.61
N THR B 378 12.82 -0.34 15.17
CA THR B 378 12.78 -1.60 14.42
C THR B 378 11.59 -2.42 14.90
N LEU B 379 10.98 -3.21 14.00
CA LEU B 379 9.91 -4.09 14.42
C LEU B 379 9.73 -5.25 13.44
N CYS B 380 9.19 -6.36 13.99
CA CYS B 380 8.91 -7.57 13.25
C CYS B 380 7.63 -7.36 12.45
N ILE B 381 7.46 -8.17 11.41
CA ILE B 381 6.35 -8.00 10.48
C ILE B 381 5.72 -9.36 10.19
N GLY B 382 4.42 -9.48 10.43
CA GLY B 382 3.70 -10.71 10.15
C GLY B 382 3.94 -11.13 8.71
N GLY B 383 4.06 -12.45 8.48
CA GLY B 383 4.37 -12.98 7.16
C GLY B 383 5.88 -13.12 6.91
N GLY B 384 6.72 -12.72 7.89
CA GLY B 384 8.14 -13.03 7.86
C GLY B 384 9.01 -11.86 7.42
N GLN B 385 8.90 -10.70 8.06
CA GLN B 385 9.77 -9.58 7.69
C GLN B 385 10.20 -8.81 8.93
N GLY B 386 11.14 -7.90 8.69
CA GLY B 386 11.49 -6.87 9.65
C GLY B 386 11.92 -5.61 8.93
N THR B 387 11.82 -4.47 9.61
CA THR B 387 12.22 -3.20 9.03
C THR B 387 12.78 -2.33 10.14
N ALA B 388 13.70 -1.41 9.79
CA ALA B 388 14.39 -0.61 10.79
C ALA B 388 14.73 0.76 10.23
N VAL B 389 14.72 1.80 11.08
CA VAL B 389 15.17 3.13 10.70
C VAL B 389 16.14 3.69 11.74
N VAL B 390 17.21 4.36 11.26
CA VAL B 390 18.12 5.11 12.11
C VAL B 390 17.93 6.62 11.89
N VAL B 391 17.79 7.34 13.01
CA VAL B 391 17.78 8.79 13.03
C VAL B 391 18.93 9.31 13.89
N GLU B 392 19.23 10.60 13.76
CA GLU B 392 20.30 11.27 14.49
C GLU B 392 19.87 12.73 14.69
N ARG B 393 20.26 13.32 15.79
CA ARG B 393 19.96 14.71 16.00
C ARG B 393 21.23 15.54 15.93
#